data_9F1I
#
_entry.id   9F1I
#
_cell.length_a   72.310
_cell.length_b   87.395
_cell.length_c   150.427
_cell.angle_alpha   90.000
_cell.angle_beta   90.000
_cell.angle_gamma   90.000
#
_symmetry.space_group_name_H-M   'P 21 21 21'
#
loop_
_entity.id
_entity.type
_entity.pdbx_description
1 polymer 'Heavy chain rabbit fab'
2 polymer 'Light chain rabbit fab'
3 polymer 'Prostate specific antigen'
4 branched alpha-L-fucopyranose-(1-6)-2-acetamido-2-deoxy-beta-D-glucopyranose
5 non-polymer 1,2-ETHANEDIOL
6 non-polymer '2-[2-(2-azanylethoxy)ethoxy]ethanoic acid'
7 water water
#
loop_
_entity_poly.entity_id
_entity_poly.type
_entity_poly.pdbx_seq_one_letter_code
_entity_poly.pdbx_strand_id
1 'polypeptide(L)'
;(PCA)SLEESGGDLVKPGASLTLTCTASGFSFSAGYDMCWVRQAPGKGLEWIACIYADGSGSTYYANWAKGRFTISLASS
TTVTLQMTGLTAADTATYFCAREGADGPDYGYAAFSLWGPGTLVTVSSGQPKAPSVFPLAPCCGDTPSSTVTLGCLVKGY
LPEPVTVTWNSGTLTNGVRTFPSVRQSSGLYSLSSVVSVTSSSQPVTCNVAHPATNTKVDKTVAPSTCSKPTCP
;
H,I
2 'polypeptide(L)'
;DVVMTQTPASVEAAVGGTVTIKCQASQSISNYFSWYQQKPGQPPKLLIYKASTLASGVPSRFKGSGSGTEFTLTISDLEC
ADAATYYCQSFYGSVTSDYGGFAFGGGTEVVVKGDPVAPTVLIFPPAADQVATGTVTIVCVANKYFPDVTVTWEVDGTTQ
TTGIENSKTPQNSADCTYNLSSTLTLTSTQYNSHKEYTCKVTQGTTSVVQSFNRGDC
;
L,M
3 'polypeptide(L)' IRNKSVILLG P,Q
#
loop_
_chem_comp.id
_chem_comp.type
_chem_comp.name
_chem_comp.formula
EDO non-polymer 1,2-ETHANEDIOL 'C2 H6 O2'
FUC L-saccharide, alpha linking alpha-L-fucopyranose 'C6 H12 O5'
NAG D-saccharide, beta linking 2-acetamido-2-deoxy-beta-D-glucopyranose 'C8 H15 N O6'
PFX peptide-like '2-[2-(2-azanylethoxy)ethoxy]ethanoic acid' 'C6 H13 N O4'
#
# COMPACT_ATOMS: atom_id res chain seq x y z
N PCA A 1 5.99 4.83 4.49
CA PCA A 1 7.17 4.19 5.03
CB PCA A 1 7.25 4.50 6.52
CG PCA A 1 5.87 5.08 6.81
CD PCA A 1 5.21 5.37 5.46
OE PCA A 1 4.17 5.96 5.28
C PCA A 1 7.13 2.69 4.81
O PCA A 1 6.09 2.05 4.97
N SER A 2 8.26 2.12 4.41
CA SER A 2 8.34 0.67 4.21
C SER A 2 9.75 0.16 4.48
N LEU A 3 9.89 -1.15 4.59
CA LEU A 3 11.15 -1.82 4.85
C LEU A 3 11.32 -2.96 3.85
N GLU A 4 12.57 -3.23 3.46
CA GLU A 4 12.85 -4.36 2.59
C GLU A 4 14.18 -4.97 3.00
N GLU A 5 14.16 -6.27 3.30
CA GLU A 5 15.36 -6.99 3.69
C GLU A 5 16.03 -7.59 2.46
N SER A 6 17.34 -7.71 2.53
CA SER A 6 18.11 -8.32 1.46
C SER A 6 19.30 -9.05 2.06
N GLY A 7 19.90 -9.91 1.26
CA GLY A 7 21.11 -10.60 1.67
C GLY A 7 20.94 -12.09 1.96
N GLY A 8 19.71 -12.57 2.09
CA GLY A 8 19.51 -13.99 2.33
C GLY A 8 20.07 -14.83 1.19
N ASP A 9 20.63 -15.97 1.56
CA ASP A 9 21.26 -16.83 0.56
C ASP A 9 21.46 -18.21 1.17
N LEU A 10 21.88 -19.13 0.32
CA LEU A 10 22.37 -20.43 0.76
C LEU A 10 23.81 -20.27 1.23
N VAL A 11 24.10 -20.73 2.46
CA VAL A 11 25.44 -20.69 3.02
C VAL A 11 25.73 -22.01 3.72
N LYS A 12 27.03 -22.33 3.85
CA LYS A 12 27.42 -23.58 4.48
C LYS A 12 27.43 -23.45 6.00
N PRO A 13 27.25 -24.56 6.73
CA PRO A 13 27.46 -24.53 8.17
C PRO A 13 28.83 -23.93 8.50
N GLY A 14 28.87 -23.12 9.57
CA GLY A 14 30.06 -22.40 9.97
C GLY A 14 30.25 -21.06 9.29
N ALA A 15 29.42 -20.73 8.30
CA ALA A 15 29.59 -19.50 7.54
C ALA A 15 29.13 -18.28 8.33
N SER A 16 29.51 -17.11 7.83
CA SER A 16 28.99 -15.82 8.25
C SER A 16 28.20 -15.21 7.10
N LEU A 17 27.27 -14.31 7.43
CA LEU A 17 26.43 -13.68 6.43
C LEU A 17 25.94 -12.35 6.99
N THR A 18 25.85 -11.34 6.13
CA THR A 18 25.30 -10.05 6.53
C THR A 18 24.00 -9.78 5.79
N LEU A 19 22.94 -9.50 6.54
CA LEU A 19 21.67 -9.10 5.97
C LEU A 19 21.52 -7.59 6.09
N THR A 20 20.72 -7.00 5.20
CA THR A 20 20.50 -5.56 5.18
C THR A 20 19.00 -5.28 5.16
N CYS A 21 18.59 -4.30 5.93
CA CYS A 21 17.23 -3.80 5.95
C CYS A 21 17.26 -2.37 5.46
N THR A 22 16.53 -2.07 4.39
CA THR A 22 16.53 -0.75 3.79
C THR A 22 15.18 -0.10 4.01
N ALA A 23 15.20 1.10 4.60
CA ALA A 23 14.00 1.88 4.84
C ALA A 23 13.70 2.75 3.62
N SER A 24 12.42 2.84 3.26
CA SER A 24 11.95 3.76 2.23
C SER A 24 10.85 4.62 2.82
N GLY A 25 10.82 5.89 2.41
CA GLY A 25 9.79 6.80 2.90
C GLY A 25 10.06 7.40 4.25
N PHE A 26 11.15 7.04 4.90
CA PHE A 26 11.57 7.67 6.15
C PHE A 26 13.06 7.42 6.32
N SER A 27 13.64 8.12 7.27
CA SER A 27 14.99 7.85 7.72
C SER A 27 14.98 7.80 9.23
N PHE A 28 15.99 7.15 9.79
CA PHE A 28 15.97 6.86 11.23
C PHE A 28 16.08 8.14 12.05
N SER A 29 15.37 8.15 13.18
CA SER A 29 15.42 9.26 14.11
C SER A 29 15.04 8.73 15.49
N ALA A 30 15.18 9.59 16.49
CA ALA A 30 14.88 9.18 17.86
C ALA A 30 13.41 8.81 18.00
N GLY A 31 13.12 8.00 19.02
CA GLY A 31 11.77 7.69 19.43
C GLY A 31 11.37 6.23 19.31
N TYR A 32 12.21 5.35 18.78
CA TYR A 32 11.83 3.96 18.56
C TYR A 32 13.09 3.15 18.34
N ASP A 33 12.93 1.82 18.32
CA ASP A 33 13.97 0.87 17.97
C ASP A 33 13.69 0.25 16.61
N MET A 34 14.77 -0.22 15.97
CA MET A 34 14.72 -1.10 14.80
C MET A 34 15.21 -2.47 15.23
N CYS A 35 14.54 -3.53 14.77
CA CYS A 35 14.81 -4.86 15.33
C CYS A 35 14.78 -5.90 14.22
N TRP A 36 15.36 -7.05 14.52
CA TRP A 36 15.29 -8.21 13.65
C TRP A 36 14.58 -9.34 14.37
N VAL A 37 13.73 -10.06 13.63
CA VAL A 37 12.96 -11.20 14.11
C VAL A 37 13.06 -12.28 13.05
N ARG A 38 13.19 -13.53 13.46
CA ARG A 38 13.29 -14.60 12.47
C ARG A 38 12.21 -15.65 12.68
N GLN A 39 12.06 -16.50 11.66
CA GLN A 39 11.01 -17.53 11.66
C GLN A 39 11.52 -18.71 10.86
N ALA A 40 11.76 -19.83 11.55
CA ALA A 40 12.17 -21.04 10.86
C ALA A 40 10.99 -21.60 10.08
N PRO A 41 11.24 -22.33 9.00
CA PRO A 41 10.12 -22.86 8.20
C PRO A 41 9.13 -23.65 9.02
N GLY A 42 7.86 -23.25 8.96
CA GLY A 42 6.82 -23.93 9.68
C GLY A 42 6.75 -23.65 11.17
N LYS A 43 7.59 -22.75 11.67
CA LYS A 43 7.66 -22.47 13.11
C LYS A 43 7.23 -21.02 13.40
N GLY A 44 7.41 -20.61 14.66
CA GLY A 44 6.94 -19.32 15.12
C GLY A 44 8.00 -18.21 15.05
N LEU A 45 7.59 -17.02 15.52
CA LEU A 45 8.48 -15.86 15.50
C LEU A 45 9.46 -15.92 16.66
N GLU A 46 10.70 -15.48 16.41
CA GLU A 46 11.76 -15.48 17.41
C GLU A 46 12.54 -14.18 17.31
N TRP A 47 12.49 -13.37 18.36
CA TRP A 47 13.19 -12.08 18.36
C TRP A 47 14.71 -12.29 18.45
N ILE A 48 15.47 -11.47 17.71
CA ILE A 48 16.93 -11.56 17.70
C ILE A 48 17.58 -10.40 18.45
N ALA A 49 17.34 -9.16 18.00
CA ALA A 49 18.06 -8.01 18.54
C ALA A 49 17.35 -6.74 18.12
N CYS A 50 17.63 -5.67 18.86
CA CYS A 50 17.17 -4.32 18.52
C CYS A 50 18.33 -3.34 18.65
N ILE A 51 18.20 -2.23 17.92
CA ILE A 51 19.10 -1.09 18.02
C ILE A 51 18.27 0.18 18.15
N TYR A 52 18.69 1.07 19.04
CA TYR A 52 18.06 2.38 19.13
C TYR A 52 18.18 3.07 17.78
N ALA A 53 17.09 3.72 17.34
CA ALA A 53 17.14 4.49 16.10
C ALA A 53 17.60 5.92 16.33
N ASP A 54 17.91 6.30 17.57
CA ASP A 54 18.18 7.69 17.92
C ASP A 54 19.59 8.17 17.58
N GLY A 55 20.45 7.29 17.08
CA GLY A 55 21.81 7.66 16.73
C GLY A 55 22.85 7.22 17.74
N SER A 56 22.44 6.79 18.93
CA SER A 56 23.39 6.34 19.93
C SER A 56 24.07 5.04 19.53
N GLY A 57 23.40 4.22 18.72
CA GLY A 57 23.90 2.91 18.40
C GLY A 57 23.74 1.88 19.49
N SER A 58 23.00 2.19 20.56
CA SER A 58 22.83 1.24 21.65
C SER A 58 22.03 0.03 21.18
N THR A 59 22.53 -1.17 21.49
CA THR A 59 21.88 -2.40 21.03
C THR A 59 21.57 -3.31 22.21
N TYR A 60 20.59 -4.19 22.01
CA TYR A 60 20.29 -5.21 22.99
C TYR A 60 19.81 -6.47 22.27
N TYR A 61 20.07 -7.62 22.89
CA TYR A 61 20.02 -8.90 22.20
C TYR A 61 19.26 -9.94 22.99
N ALA A 62 18.69 -10.90 22.26
CA ALA A 62 18.24 -12.13 22.88
C ALA A 62 19.45 -12.90 23.41
N ASN A 63 19.26 -13.60 24.52
CA ASN A 63 20.37 -14.32 25.13
C ASN A 63 21.01 -15.31 24.18
N TRP A 64 20.19 -16.04 23.41
CA TRP A 64 20.75 -17.02 22.50
C TRP A 64 21.58 -16.39 21.39
N ALA A 65 21.33 -15.12 21.06
CA ALA A 65 21.96 -14.45 19.93
C ALA A 65 23.23 -13.69 20.31
N LYS A 66 23.47 -13.47 21.60
CA LYS A 66 24.65 -12.73 22.01
C LYS A 66 25.91 -13.44 21.54
N GLY A 67 26.80 -12.70 20.91
CA GLY A 67 28.05 -13.26 20.47
C GLY A 67 28.08 -13.78 19.04
N ARG A 68 26.94 -14.24 18.51
CA ARG A 68 26.90 -14.66 17.11
C ARG A 68 26.26 -13.64 16.19
N PHE A 69 25.42 -12.76 16.71
CA PHE A 69 24.68 -11.79 15.91
C PHE A 69 25.06 -10.39 16.36
N THR A 70 25.18 -9.48 15.39
CA THR A 70 25.39 -8.06 15.67
C THR A 70 24.44 -7.26 14.79
N ILE A 71 23.65 -6.37 15.41
CA ILE A 71 22.79 -5.46 14.67
C ILE A 71 23.45 -4.08 14.63
N SER A 72 23.37 -3.41 13.48
CA SER A 72 24.01 -2.10 13.31
C SER A 72 23.11 -1.19 12.49
N LEU A 73 23.25 0.12 12.72
CA LEU A 73 22.71 1.13 11.82
C LEU A 73 23.85 1.56 10.90
N ALA A 74 23.80 1.13 9.64
CA ALA A 74 24.86 1.41 8.68
C ALA A 74 24.69 2.74 7.97
N SER A 75 23.47 3.28 7.96
CA SER A 75 23.19 4.59 7.39
C SER A 75 21.86 5.04 7.94
N SER A 76 21.47 6.27 7.58
CA SER A 76 20.16 6.76 8.03
C SER A 76 19.01 5.98 7.43
N THR A 77 19.26 5.06 6.49
CA THR A 77 18.21 4.27 5.89
C THR A 77 18.50 2.77 5.87
N THR A 78 19.59 2.31 6.50
CA THR A 78 19.90 0.88 6.47
C THR A 78 20.27 0.36 7.84
N VAL A 79 19.70 -0.78 8.20
CA VAL A 79 20.09 -1.59 9.34
C VAL A 79 20.72 -2.86 8.78
N THR A 80 21.77 -3.33 9.44
CA THR A 80 22.37 -4.60 9.04
C THR A 80 22.32 -5.58 10.21
N LEU A 81 22.39 -6.86 9.86
CA LEU A 81 22.53 -7.94 10.84
C LEU A 81 23.66 -8.84 10.39
N GLN A 82 24.72 -8.93 11.19
CA GLN A 82 25.87 -9.78 10.88
C GLN A 82 25.71 -11.06 11.68
N MET A 83 25.63 -12.19 10.99
CA MET A 83 25.42 -13.49 11.60
C MET A 83 26.67 -14.34 11.42
N THR A 84 27.06 -15.08 12.46
CA THR A 84 28.23 -15.94 12.39
C THR A 84 27.92 -17.31 12.98
N GLY A 85 28.80 -18.27 12.72
CA GLY A 85 28.67 -19.60 13.30
C GLY A 85 27.39 -20.31 12.91
N LEU A 86 26.97 -20.15 11.66
CA LEU A 86 25.64 -20.57 11.25
C LEU A 86 25.53 -22.09 11.20
N THR A 87 24.39 -22.60 11.65
CA THR A 87 24.02 -24.01 11.49
C THR A 87 22.60 -24.11 10.95
N ALA A 88 22.15 -25.35 10.73
CA ALA A 88 20.77 -25.55 10.26
C ALA A 88 19.75 -24.94 11.20
N ALA A 89 20.09 -24.77 12.48
CA ALA A 89 19.17 -24.13 13.42
C ALA A 89 18.94 -22.66 13.12
N ASP A 90 19.75 -22.06 12.24
CA ASP A 90 19.59 -20.67 11.86
C ASP A 90 18.86 -20.50 10.52
N THR A 91 18.55 -21.59 9.83
CA THR A 91 17.74 -21.48 8.62
C THR A 91 16.39 -20.89 8.98
N ALA A 92 16.02 -19.79 8.30
CA ALA A 92 14.83 -19.06 8.69
C ALA A 92 14.62 -17.91 7.72
N THR A 93 13.39 -17.39 7.71
CA THR A 93 13.17 -16.08 7.13
C THR A 93 13.47 -15.04 8.21
N TYR A 94 14.27 -14.04 7.85
CA TYR A 94 14.68 -12.97 8.73
C TYR A 94 13.93 -11.71 8.35
N PHE A 95 13.21 -11.13 9.33
CA PHE A 95 12.43 -9.91 9.14
C PHE A 95 13.08 -8.74 9.87
N CYS A 96 13.07 -7.58 9.22
CA CYS A 96 13.35 -6.30 9.84
C CYS A 96 12.03 -5.67 10.27
N ALA A 97 12.03 -5.01 11.42
CA ALA A 97 10.79 -4.43 11.93
C ALA A 97 11.09 -3.13 12.68
N ARG A 98 10.16 -2.18 12.56
CA ARG A 98 10.24 -0.92 13.27
C ARG A 98 9.26 -0.93 14.43
N GLU A 99 9.77 -0.59 15.62
CA GLU A 99 8.91 -0.49 16.79
C GLU A 99 7.92 0.65 16.60
N GLY A 100 6.65 0.40 16.91
CA GLY A 100 5.64 1.44 16.86
C GLY A 100 5.71 2.38 18.07
N ALA A 101 5.08 3.53 17.94
CA ALA A 101 5.09 4.51 19.01
C ALA A 101 3.78 5.30 19.00
N ASP A 102 3.29 5.64 20.18
CA ASP A 102 2.14 6.53 20.30
C ASP A 102 2.48 7.83 21.01
N GLY A 103 3.76 8.12 21.15
CA GLY A 103 4.25 9.40 21.63
C GLY A 103 5.62 9.66 21.04
N PRO A 104 6.11 10.90 21.15
CA PRO A 104 7.33 11.28 20.43
C PRO A 104 8.63 10.84 21.08
N ASP A 105 8.61 10.34 22.30
CA ASP A 105 9.85 10.15 23.04
C ASP A 105 10.38 8.72 23.04
N TYR A 106 9.52 7.73 22.88
CA TYR A 106 9.92 6.32 22.90
C TYR A 106 8.75 5.50 22.42
N GLY A 107 9.03 4.24 22.05
CA GLY A 107 8.03 3.36 21.48
C GLY A 107 7.30 2.53 22.52
N TYR A 108 6.37 1.71 22.02
CA TYR A 108 5.51 0.92 22.88
C TYR A 108 5.84 -0.57 22.82
N ALA A 109 7.04 -0.92 22.36
CA ALA A 109 7.55 -2.28 22.48
C ALA A 109 6.67 -3.29 21.76
N ALA A 110 6.19 -2.90 20.57
CA ALA A 110 5.54 -3.80 19.63
C ALA A 110 5.93 -3.31 18.25
N PHE A 111 5.83 -4.20 17.25
CA PHE A 111 6.42 -3.94 15.94
C PHE A 111 5.31 -3.59 14.95
N SER A 112 5.28 -2.33 14.52
CA SER A 112 4.19 -1.87 13.67
C SER A 112 4.51 -1.99 12.18
N LEU A 113 5.77 -1.94 11.79
CA LEU A 113 6.15 -1.96 10.39
C LEU A 113 7.14 -3.09 10.18
N TRP A 114 6.91 -3.92 9.15
CA TRP A 114 7.72 -5.09 8.86
C TRP A 114 8.08 -5.15 7.39
N GLY A 115 9.28 -5.67 7.10
CA GLY A 115 9.64 -6.00 5.73
C GLY A 115 9.06 -7.34 5.35
N PRO A 116 9.17 -7.69 4.06
CA PRO A 116 8.64 -8.99 3.60
C PRO A 116 9.49 -10.17 4.02
N GLY A 117 10.71 -9.95 4.46
CA GLY A 117 11.58 -11.03 4.90
C GLY A 117 12.60 -11.41 3.84
N THR A 118 13.71 -11.98 4.31
CA THR A 118 14.72 -12.56 3.42
C THR A 118 15.09 -13.93 3.98
N LEU A 119 15.22 -14.92 3.11
CA LEU A 119 15.40 -16.31 3.53
C LEU A 119 16.88 -16.67 3.59
N VAL A 120 17.31 -17.21 4.72
CA VAL A 120 18.67 -17.74 4.88
C VAL A 120 18.57 -19.25 4.98
N THR A 121 19.33 -19.96 4.15
CA THR A 121 19.36 -21.42 4.15
C THR A 121 20.77 -21.89 4.49
N VAL A 122 20.92 -22.59 5.61
CA VAL A 122 22.22 -23.10 6.03
C VAL A 122 22.28 -24.59 5.70
N SER A 123 23.09 -24.94 4.71
CA SER A 123 23.10 -26.29 4.16
C SER A 123 24.43 -26.52 3.47
N SER A 124 24.85 -27.78 3.42
CA SER A 124 26.03 -28.13 2.62
C SER A 124 25.70 -28.39 1.16
N GLY A 125 24.42 -28.33 0.78
CA GLY A 125 24.04 -28.58 -0.60
C GLY A 125 24.49 -27.47 -1.53
N GLN A 126 24.66 -27.83 -2.79
CA GLN A 126 25.13 -26.82 -3.74
C GLN A 126 23.95 -26.11 -4.40
N PRO A 127 24.16 -24.86 -4.86
CA PRO A 127 23.09 -24.17 -5.58
C PRO A 127 22.65 -24.99 -6.79
N LYS A 128 21.34 -24.94 -7.08
CA LYS A 128 20.81 -25.65 -8.23
C LYS A 128 19.66 -24.85 -8.83
N ALA A 129 19.82 -24.43 -10.09
CA ALA A 129 18.75 -23.74 -10.79
C ALA A 129 17.65 -24.74 -11.16
N PRO A 130 16.38 -24.32 -11.15
CA PRO A 130 15.30 -25.23 -11.50
C PRO A 130 15.24 -25.50 -13.00
N SER A 131 14.58 -26.61 -13.34
CA SER A 131 14.06 -26.82 -14.69
C SER A 131 12.58 -26.52 -14.65
N VAL A 132 12.06 -25.89 -15.71
CA VAL A 132 10.67 -25.49 -15.79
C VAL A 132 9.98 -26.28 -16.90
N PHE A 133 8.87 -26.94 -16.55
CA PHE A 133 8.15 -27.75 -17.52
C PHE A 133 6.71 -27.26 -17.61
N PRO A 134 6.14 -27.22 -18.80
CA PRO A 134 4.74 -26.82 -18.93
C PRO A 134 3.81 -27.88 -18.37
N LEU A 135 2.65 -27.42 -17.92
CA LEU A 135 1.56 -28.26 -17.45
C LEU A 135 0.36 -27.96 -18.35
N ALA A 136 -0.12 -28.98 -19.05
CA ALA A 136 -1.22 -28.85 -19.99
C ALA A 136 -1.99 -30.16 -19.98
N PRO A 137 -3.28 -30.14 -20.28
CA PRO A 137 -4.05 -31.39 -20.29
C PRO A 137 -3.57 -32.31 -21.40
N CYS A 138 -3.82 -33.60 -21.19
CA CYS A 138 -3.50 -34.64 -22.16
C CYS A 138 -3.96 -34.26 -23.56
N CYS A 139 -3.10 -34.56 -24.54
CA CYS A 139 -3.35 -34.25 -25.94
C CYS A 139 -4.71 -34.74 -26.41
N GLY A 140 -5.10 -35.94 -25.97
CA GLY A 140 -6.32 -36.56 -26.44
C GLY A 140 -7.60 -35.97 -25.89
N ASP A 141 -7.50 -35.11 -24.86
CA ASP A 141 -8.68 -34.51 -24.27
C ASP A 141 -9.36 -33.57 -25.25
N THR A 142 -10.68 -33.44 -25.10
CA THR A 142 -11.45 -32.54 -25.96
C THR A 142 -11.10 -31.10 -25.63
N PRO A 143 -10.84 -30.24 -26.62
CA PRO A 143 -10.51 -28.85 -26.34
C PRO A 143 -11.70 -28.10 -25.77
N SER A 144 -11.39 -26.98 -25.12
CA SER A 144 -12.40 -26.13 -24.51
C SER A 144 -12.03 -24.67 -24.74
N SER A 145 -13.03 -23.80 -24.73
CA SER A 145 -12.75 -22.37 -24.87
C SER A 145 -12.02 -21.81 -23.65
N THR A 146 -12.06 -22.52 -22.52
CA THR A 146 -11.25 -22.18 -21.37
C THR A 146 -10.44 -23.40 -20.96
N VAL A 147 -9.23 -23.17 -20.47
CA VAL A 147 -8.34 -24.24 -20.10
C VAL A 147 -7.48 -23.77 -18.95
N THR A 148 -7.11 -24.71 -18.09
CA THR A 148 -6.16 -24.43 -17.01
C THR A 148 -4.80 -24.98 -17.42
N LEU A 149 -3.81 -24.10 -17.44
CA LEU A 149 -2.44 -24.41 -17.82
C LEU A 149 -1.53 -24.05 -16.66
N GLY A 150 -0.29 -24.50 -16.71
CA GLY A 150 0.59 -24.15 -15.62
C GLY A 150 2.05 -24.44 -15.91
N CYS A 151 2.86 -24.28 -14.87
CA CYS A 151 4.28 -24.56 -14.96
C CYS A 151 4.71 -25.28 -13.70
N LEU A 152 5.57 -26.28 -13.88
CA LEU A 152 6.21 -27.01 -12.79
C LEU A 152 7.66 -26.53 -12.73
N VAL A 153 8.04 -25.95 -11.60
CA VAL A 153 9.38 -25.44 -11.38
C VAL A 153 10.08 -26.49 -10.53
N LYS A 154 10.92 -27.32 -11.13
CA LYS A 154 11.36 -28.56 -10.50
C LYS A 154 12.85 -28.51 -10.17
N GLY A 155 13.18 -28.86 -8.94
CA GLY A 155 14.54 -29.19 -8.57
C GLY A 155 15.49 -28.02 -8.33
N TYR A 156 15.15 -27.13 -7.40
CA TYR A 156 16.01 -25.99 -7.13
C TYR A 156 16.45 -25.97 -5.67
N LEU A 157 17.55 -25.24 -5.44
CA LEU A 157 18.07 -25.00 -4.09
C LEU A 157 18.91 -23.76 -4.17
N PRO A 158 18.79 -22.83 -3.22
CA PRO A 158 17.82 -22.80 -2.12
C PRO A 158 16.50 -22.22 -2.60
N GLU A 159 15.50 -22.19 -1.73
CA GLU A 159 14.37 -21.32 -1.95
C GLU A 159 14.83 -19.87 -1.87
N PRO A 160 14.08 -18.94 -2.46
CA PRO A 160 12.81 -19.10 -3.17
C PRO A 160 12.97 -19.09 -4.68
N VAL A 161 11.89 -19.44 -5.37
CA VAL A 161 11.67 -19.03 -6.75
C VAL A 161 10.46 -18.12 -6.73
N THR A 162 10.36 -17.28 -7.75
CA THR A 162 9.15 -16.51 -7.98
C THR A 162 8.58 -16.86 -9.35
N VAL A 163 7.26 -16.80 -9.46
CA VAL A 163 6.56 -17.09 -10.70
C VAL A 163 5.55 -15.96 -10.96
N THR A 164 5.57 -15.44 -12.18
CA THR A 164 4.49 -14.58 -12.67
C THR A 164 4.01 -15.16 -13.99
N TRP A 165 2.89 -14.63 -14.47
CA TRP A 165 2.31 -15.04 -15.73
C TRP A 165 2.19 -13.84 -16.65
N ASN A 166 2.61 -14.02 -17.91
CA ASN A 166 2.55 -12.96 -18.91
C ASN A 166 3.12 -11.64 -18.40
N SER A 167 4.30 -11.74 -17.79
CA SER A 167 5.05 -10.58 -17.30
C SER A 167 4.29 -9.83 -16.21
N GLY A 168 3.46 -10.55 -15.46
CA GLY A 168 2.68 -9.95 -14.41
C GLY A 168 1.34 -9.39 -14.83
N THR A 169 1.01 -9.45 -16.13
CA THR A 169 -0.26 -8.91 -16.60
C THR A 169 -1.40 -9.90 -16.45
N LEU A 170 -1.12 -11.16 -16.15
CA LEU A 170 -2.14 -12.18 -15.94
C LEU A 170 -2.10 -12.56 -14.47
N THR A 171 -3.13 -12.18 -13.71
CA THR A 171 -3.14 -12.43 -12.28
C THR A 171 -4.43 -13.08 -11.80
N ASN A 172 -5.53 -12.83 -12.51
CA ASN A 172 -6.83 -13.36 -12.09
C ASN A 172 -6.81 -14.87 -12.14
N GLY A 173 -7.13 -15.50 -11.01
CA GLY A 173 -7.25 -16.95 -10.97
C GLY A 173 -5.94 -17.70 -11.05
N VAL A 174 -4.83 -17.06 -10.70
CA VAL A 174 -3.55 -17.74 -10.62
C VAL A 174 -3.44 -18.43 -9.27
N ARG A 175 -3.06 -19.71 -9.27
CA ARG A 175 -2.80 -20.44 -8.04
C ARG A 175 -1.34 -20.87 -8.08
N THR A 176 -0.52 -20.25 -7.25
CA THR A 176 0.89 -20.62 -7.10
C THR A 176 1.04 -21.29 -5.74
N PHE A 177 1.37 -22.54 -5.75
CA PHE A 177 1.32 -23.39 -4.56
C PHE A 177 2.61 -23.26 -3.77
N PRO A 178 2.55 -23.49 -2.45
CA PRO A 178 3.79 -23.52 -1.67
C PRO A 178 4.75 -24.56 -2.22
N SER A 179 6.04 -24.30 -2.05
CA SER A 179 7.05 -25.24 -2.49
C SER A 179 6.95 -26.52 -1.65
N VAL A 180 7.48 -27.61 -2.22
CA VAL A 180 7.65 -28.86 -1.49
C VAL A 180 9.09 -29.30 -1.65
N ARG A 181 9.62 -29.96 -0.62
CA ARG A 181 10.97 -30.47 -0.64
C ARG A 181 10.90 -31.93 -1.08
N GLN A 182 11.43 -32.23 -2.26
CA GLN A 182 11.37 -33.59 -2.76
C GLN A 182 12.41 -34.45 -2.06
N SER A 183 12.31 -35.77 -2.29
CA SER A 183 13.23 -36.69 -1.63
C SER A 183 14.67 -36.45 -2.05
N SER A 184 14.90 -35.85 -3.21
CA SER A 184 16.25 -35.49 -3.64
C SER A 184 16.88 -34.40 -2.80
N GLY A 185 16.12 -33.78 -1.87
CA GLY A 185 16.57 -32.60 -1.17
C GLY A 185 16.35 -31.29 -1.92
N LEU A 186 15.96 -31.35 -3.18
CA LEU A 186 15.68 -30.14 -3.93
C LEU A 186 14.20 -29.79 -3.82
N TYR A 187 13.89 -28.53 -4.07
CA TYR A 187 12.53 -28.04 -3.97
C TYR A 187 11.85 -28.02 -5.33
N SER A 188 10.52 -28.09 -5.30
CA SER A 188 9.71 -27.92 -6.49
C SER A 188 8.47 -27.10 -6.12
N LEU A 189 7.95 -26.41 -7.13
CA LEU A 189 6.81 -25.53 -6.97
C LEU A 189 6.02 -25.52 -8.27
N SER A 190 4.70 -25.50 -8.18
CA SER A 190 3.87 -25.41 -9.35
C SER A 190 2.97 -24.19 -9.27
N SER A 191 2.57 -23.71 -10.45
CA SER A 191 1.65 -22.59 -10.57
C SER A 191 0.72 -22.90 -11.72
N VAL A 192 -0.58 -22.63 -11.54
CA VAL A 192 -1.55 -22.82 -12.61
C VAL A 192 -2.41 -21.57 -12.77
N VAL A 193 -2.98 -21.43 -13.95
CA VAL A 193 -3.87 -20.30 -14.27
C VAL A 193 -4.93 -20.79 -15.24
N SER A 194 -6.14 -20.25 -15.10
CA SER A 194 -7.24 -20.56 -16.00
C SER A 194 -7.46 -19.39 -16.94
N VAL A 195 -7.47 -19.67 -18.25
CA VAL A 195 -7.56 -18.62 -19.27
C VAL A 195 -8.55 -19.05 -20.34
N THR A 196 -8.99 -18.06 -21.12
CA THR A 196 -9.76 -18.35 -22.32
C THR A 196 -8.81 -18.84 -23.41
N SER A 197 -9.17 -19.97 -24.04
CA SER A 197 -8.26 -20.62 -24.98
C SER A 197 -7.98 -19.78 -26.21
N SER A 198 -8.88 -18.87 -26.56
CA SER A 198 -8.69 -18.03 -27.73
C SER A 198 -7.80 -16.85 -27.40
N SER A 199 -7.03 -16.41 -28.41
CA SER A 199 -6.29 -15.14 -28.40
C SER A 199 -5.55 -14.91 -27.09
N GLN A 200 -5.08 -15.98 -26.45
CA GLN A 200 -4.49 -15.90 -25.12
C GLN A 200 -3.40 -16.96 -25.01
N PRO A 201 -2.18 -16.63 -25.46
CA PRO A 201 -1.03 -17.51 -25.16
C PRO A 201 -0.40 -17.11 -23.84
N VAL A 202 -0.19 -18.06 -22.94
CA VAL A 202 0.27 -17.77 -21.59
C VAL A 202 1.71 -18.22 -21.44
N THR A 203 2.51 -17.41 -20.76
CA THR A 203 3.90 -17.71 -20.49
C THR A 203 4.14 -17.54 -19.01
N CYS A 204 4.76 -18.52 -18.37
CA CYS A 204 5.18 -18.35 -16.99
C CYS A 204 6.59 -17.80 -16.96
N ASN A 205 6.81 -16.81 -16.09
CA ASN A 205 8.11 -16.18 -15.93
C ASN A 205 8.64 -16.61 -14.56
N VAL A 206 9.72 -17.37 -14.56
CA VAL A 206 10.27 -17.96 -13.34
C VAL A 206 11.62 -17.33 -13.03
N ALA A 207 11.87 -17.03 -11.76
CA ALA A 207 13.15 -16.48 -11.34
C ALA A 207 13.65 -17.27 -10.15
N HIS A 208 14.97 -17.54 -10.14
CA HIS A 208 15.65 -18.19 -9.03
C HIS A 208 16.85 -17.32 -8.69
N PRO A 209 16.71 -16.38 -7.74
CA PRO A 209 17.77 -15.39 -7.54
C PRO A 209 19.12 -15.98 -7.14
N ALA A 210 19.15 -17.09 -6.40
CA ALA A 210 20.43 -17.63 -5.95
C ALA A 210 21.34 -18.05 -7.09
N THR A 211 20.80 -18.36 -8.27
CA THR A 211 21.62 -18.70 -9.43
C THR A 211 21.53 -17.63 -10.51
N ASN A 212 20.86 -16.50 -10.24
CA ASN A 212 20.59 -15.48 -11.25
C ASN A 212 19.80 -16.03 -12.43
N THR A 213 18.94 -17.01 -12.19
CA THR A 213 18.17 -17.64 -13.25
C THR A 213 16.90 -16.85 -13.51
N LYS A 214 16.64 -16.55 -14.78
CA LYS A 214 15.32 -16.14 -15.25
C LYS A 214 15.00 -16.98 -16.48
N VAL A 215 13.79 -17.55 -16.51
CA VAL A 215 13.38 -18.42 -17.60
C VAL A 215 11.90 -18.21 -17.87
N ASP A 216 11.56 -18.14 -19.15
CA ASP A 216 10.18 -18.06 -19.60
C ASP A 216 9.81 -19.37 -20.28
N LYS A 217 8.60 -19.87 -20.00
CA LYS A 217 8.05 -21.02 -20.71
C LYS A 217 6.65 -20.65 -21.18
N THR A 218 6.46 -20.65 -22.50
CA THR A 218 5.13 -20.47 -23.07
C THR A 218 4.46 -21.83 -23.15
N VAL A 219 3.25 -21.93 -22.62
CA VAL A 219 2.59 -23.21 -22.36
C VAL A 219 1.57 -23.47 -23.45
N ALA A 220 1.82 -24.48 -24.28
CA ALA A 220 0.88 -24.86 -25.31
C ALA A 220 -0.35 -25.50 -24.66
N PRO A 221 -1.53 -25.34 -25.25
CA PRO A 221 -2.78 -25.71 -24.56
C PRO A 221 -2.97 -27.21 -24.36
N SER A 222 -2.08 -28.06 -24.87
CA SER A 222 -2.18 -29.49 -24.65
C SER A 222 -0.79 -30.11 -24.75
N THR A 223 -0.71 -31.40 -24.45
CA THR A 223 0.53 -32.15 -24.62
C THR A 223 0.76 -32.59 -26.06
N CYS A 224 -0.10 -32.20 -27.00
CA CYS A 224 0.06 -32.59 -28.40
C CYS A 224 1.38 -32.03 -28.96
N PCA B 1 5.66 -2.72 -7.21
CA PCA B 1 6.11 -1.70 -8.14
CB PCA B 1 5.57 -2.04 -9.52
CG PCA B 1 4.48 -3.05 -9.20
CD PCA B 1 4.73 -3.52 -7.77
OE PCA B 1 4.18 -4.45 -7.22
C PCA B 1 5.59 -0.35 -7.70
O PCA B 1 4.43 -0.22 -7.32
N SER B 2 6.47 0.66 -7.74
CA SER B 2 6.05 2.02 -7.41
C SER B 2 6.90 3.04 -8.17
N LEU B 3 6.44 4.28 -8.18
CA LEU B 3 7.10 5.36 -8.89
C LEU B 3 7.26 6.54 -7.94
N GLU B 4 8.36 7.26 -8.09
CA GLU B 4 8.58 8.45 -7.28
C GLU B 4 9.22 9.54 -8.14
N GLU B 5 8.56 10.68 -8.22
CA GLU B 5 9.08 11.80 -9.00
C GLU B 5 9.93 12.69 -8.10
N SER B 6 10.94 13.32 -8.71
CA SER B 6 11.81 14.25 -8.00
C SER B 6 12.22 15.37 -8.95
N GLY B 7 12.77 16.42 -8.38
CA GLY B 7 13.30 17.53 -9.15
C GLY B 7 12.43 18.78 -9.15
N GLY B 8 11.20 18.69 -8.67
CA GLY B 8 10.36 19.87 -8.60
C GLY B 8 11.01 20.95 -7.75
N ASP B 9 10.86 22.20 -8.19
CA ASP B 9 11.49 23.30 -7.48
C ASP B 9 10.83 24.61 -7.92
N LEU B 10 11.14 25.66 -7.18
CA LEU B 10 10.84 27.02 -7.58
C LEU B 10 11.87 27.46 -8.61
N VAL B 11 11.39 27.91 -9.78
CA VAL B 11 12.26 28.36 -10.86
C VAL B 11 11.73 29.67 -11.43
N LYS B 12 12.64 30.47 -12.02
CA LYS B 12 12.26 31.76 -12.58
C LYS B 12 11.65 31.59 -13.97
N PRO B 13 10.77 32.51 -14.36
CA PRO B 13 10.23 32.47 -15.74
C PRO B 13 11.38 32.45 -16.74
N GLY B 14 11.21 31.63 -17.78
CA GLY B 14 12.23 31.45 -18.78
C GLY B 14 13.23 30.36 -18.49
N ALA B 15 13.25 29.83 -17.26
CA ALA B 15 14.26 28.84 -16.90
C ALA B 15 13.91 27.47 -17.47
N SER B 16 14.88 26.56 -17.37
CA SER B 16 14.69 25.16 -17.69
C SER B 16 14.74 24.33 -16.41
N LEU B 17 14.25 23.10 -16.49
CA LEU B 17 14.23 22.23 -15.33
C LEU B 17 14.10 20.80 -15.81
N THR B 18 14.73 19.88 -15.10
CA THR B 18 14.65 18.46 -15.41
C THR B 18 14.04 17.72 -14.23
N LEU B 19 12.97 16.99 -14.49
CA LEU B 19 12.37 16.13 -13.47
C LEU B 19 12.80 14.69 -13.73
N THR B 20 12.79 13.90 -12.66
CA THR B 20 13.15 12.50 -12.75
C THR B 20 12.05 11.66 -12.11
N CYS B 21 11.74 10.54 -12.75
CA CYS B 21 10.82 9.55 -12.20
C CYS B 21 11.61 8.27 -11.96
N THR B 22 11.60 7.78 -10.73
CA THR B 22 12.38 6.62 -10.35
C THR B 22 11.45 5.45 -10.07
N ALA B 23 11.70 4.33 -10.73
CA ALA B 23 10.93 3.12 -10.51
C ALA B 23 11.55 2.29 -9.38
N SER B 24 10.70 1.80 -8.48
CA SER B 24 11.09 0.83 -7.48
C SER B 24 10.31 -0.46 -7.67
N GLY B 25 10.96 -1.59 -7.40
CA GLY B 25 10.34 -2.90 -7.51
C GLY B 25 10.20 -3.43 -8.92
N PHE B 26 10.65 -2.68 -9.92
CA PHE B 26 10.70 -3.17 -11.29
C PHE B 26 11.72 -2.33 -12.05
N SER B 27 12.09 -2.81 -13.23
CA SER B 27 12.84 -2.02 -14.20
C SER B 27 12.11 -2.06 -15.53
N PHE B 28 12.39 -1.07 -16.38
CA PHE B 28 11.65 -0.93 -17.62
C PHE B 28 11.90 -2.10 -18.56
N SER B 29 10.85 -2.50 -19.27
CA SER B 29 10.95 -3.57 -20.26
C SER B 29 9.79 -3.41 -21.23
N ALA B 30 9.81 -4.22 -22.28
CA ALA B 30 8.83 -4.11 -23.35
C ALA B 30 7.43 -4.38 -22.81
N GLY B 31 6.44 -3.82 -23.51
CA GLY B 31 5.04 -4.13 -23.27
C GLY B 31 4.19 -2.97 -22.79
N TYR B 32 4.75 -1.78 -22.62
CA TYR B 32 3.99 -0.64 -22.11
C TYR B 32 4.81 0.62 -22.34
N ASP B 33 4.17 1.76 -22.07
CA ASP B 33 4.79 3.07 -22.11
C ASP B 33 4.90 3.65 -20.71
N MET B 34 5.89 4.55 -20.53
CA MET B 34 6.01 5.39 -19.36
C MET B 34 5.69 6.82 -19.78
N CYS B 35 4.90 7.53 -18.97
CA CYS B 35 4.36 8.82 -19.41
C CYS B 35 4.43 9.84 -18.28
N TRP B 36 4.32 11.11 -18.66
CA TRP B 36 4.17 12.20 -17.71
C TRP B 36 2.83 12.90 -17.93
N VAL B 37 2.19 13.23 -16.81
CA VAL B 37 0.92 13.95 -16.76
C VAL B 37 1.07 15.05 -15.71
N ARG B 38 0.54 16.23 -15.99
CA ARG B 38 0.62 17.33 -15.04
C ARG B 38 -0.78 17.82 -14.66
N GLN B 39 -0.83 18.59 -13.57
CA GLN B 39 -2.09 19.10 -13.04
C GLN B 39 -1.80 20.44 -12.37
N ALA B 40 -2.26 21.52 -13.00
CA ALA B 40 -2.11 22.83 -12.39
C ALA B 40 -3.00 22.93 -11.15
N PRO B 41 -2.62 23.80 -10.19
CA PRO B 41 -3.42 23.96 -8.97
C PRO B 41 -4.88 24.26 -9.25
N GLY B 42 -5.78 23.43 -8.71
CA GLY B 42 -7.20 23.59 -8.91
C GLY B 42 -7.72 23.21 -10.29
N LYS B 43 -6.89 22.63 -11.16
CA LYS B 43 -7.26 22.33 -12.52
C LYS B 43 -7.21 20.82 -12.77
N GLY B 44 -7.46 20.42 -14.01
CA GLY B 44 -7.56 19.01 -14.36
C GLY B 44 -6.25 18.40 -14.81
N LEU B 45 -6.32 17.11 -15.13
CA LEU B 45 -5.16 16.37 -15.61
C LEU B 45 -4.85 16.73 -17.05
N GLU B 46 -3.56 16.75 -17.39
CA GLU B 46 -3.12 17.13 -18.73
C GLU B 46 -1.93 16.28 -19.12
N TRP B 47 -2.11 15.47 -20.17
CA TRP B 47 -1.04 14.60 -20.65
C TRP B 47 0.08 15.38 -21.32
N ILE B 48 1.34 14.98 -21.06
CA ILE B 48 2.52 15.63 -21.61
C ILE B 48 3.16 14.79 -22.72
N ALA B 49 3.62 13.59 -22.38
CA ALA B 49 4.41 12.79 -23.30
C ALA B 49 4.51 11.37 -22.78
N CYS B 50 4.84 10.45 -23.70
CA CYS B 50 5.15 9.06 -23.37
C CYS B 50 6.42 8.62 -24.09
N ILE B 51 7.07 7.62 -23.50
CA ILE B 51 8.19 6.93 -24.11
C ILE B 51 7.93 5.43 -24.04
N TYR B 52 8.23 4.72 -25.12
CA TYR B 52 8.21 3.27 -25.08
C TYR B 52 9.14 2.77 -23.98
N ALA B 53 8.67 1.81 -23.19
CA ALA B 53 9.54 1.20 -22.18
C ALA B 53 10.43 0.10 -22.74
N ASP B 54 10.29 -0.25 -24.03
CA ASP B 54 11.00 -1.39 -24.61
C ASP B 54 12.47 -1.12 -24.91
N GLY B 55 12.96 0.11 -24.69
CA GLY B 55 14.35 0.44 -24.96
C GLY B 55 14.60 1.03 -26.33
N SER B 56 13.60 1.06 -27.22
CA SER B 56 13.76 1.65 -28.53
C SER B 56 14.03 3.16 -28.48
N GLY B 57 13.60 3.82 -27.41
CA GLY B 57 13.67 5.26 -27.32
C GLY B 57 12.54 6.00 -28.00
N SER B 58 11.57 5.29 -28.59
CA SER B 58 10.50 5.95 -29.32
C SER B 58 9.62 6.75 -28.38
N THR B 59 9.31 7.99 -28.77
CA THR B 59 8.54 8.89 -27.94
C THR B 59 7.38 9.48 -28.73
N TYR B 60 6.39 9.97 -27.99
CA TYR B 60 5.30 10.72 -28.60
C TYR B 60 4.77 11.75 -27.60
N TYR B 61 4.37 12.93 -28.11
CA TYR B 61 4.11 14.10 -27.29
C TYR B 61 2.74 14.67 -27.58
N ALA B 62 2.16 15.32 -26.55
CA ALA B 62 1.03 16.21 -26.81
C ALA B 62 1.49 17.38 -27.68
N ASN B 63 0.61 17.82 -28.59
CA ASN B 63 0.97 18.92 -29.47
C ASN B 63 1.46 20.13 -28.67
N TRP B 64 0.83 20.41 -27.53
CA TRP B 64 1.20 21.61 -26.77
C TRP B 64 2.60 21.50 -26.19
N ALA B 65 3.10 20.28 -25.99
CA ALA B 65 4.36 20.05 -25.28
C ALA B 65 5.54 19.83 -26.21
N LYS B 66 5.31 19.67 -27.51
CA LYS B 66 6.37 19.25 -28.42
C LYS B 66 7.53 20.24 -28.44
N GLY B 67 7.23 21.53 -28.35
CA GLY B 67 8.28 22.53 -28.50
C GLY B 67 9.26 22.60 -27.34
N ARG B 68 8.82 22.28 -26.12
CA ARG B 68 9.60 22.60 -24.93
C ARG B 68 9.90 21.41 -24.02
N PHE B 69 9.34 20.23 -24.28
CA PHE B 69 9.49 19.10 -23.38
C PHE B 69 10.19 17.95 -24.07
N THR B 70 11.03 17.24 -23.33
CA THR B 70 11.73 16.06 -23.85
C THR B 70 11.65 14.97 -22.79
N ILE B 71 11.14 13.80 -23.18
CA ILE B 71 11.06 12.64 -22.31
C ILE B 71 12.12 11.64 -22.74
N SER B 72 12.81 11.05 -21.77
CA SER B 72 13.89 10.10 -22.05
C SER B 72 13.91 9.03 -20.96
N LEU B 73 14.44 7.86 -21.30
CA LEU B 73 14.81 6.87 -20.30
C LEU B 73 16.29 7.08 -19.98
N ALA B 74 16.57 7.55 -18.77
CA ALA B 74 17.96 7.79 -18.36
C ALA B 74 18.65 6.53 -17.89
N SER B 75 17.89 5.54 -17.45
CA SER B 75 18.42 4.26 -16.99
C SER B 75 17.26 3.27 -16.99
N SER B 76 17.56 2.02 -16.63
CA SER B 76 16.50 1.02 -16.55
C SER B 76 15.49 1.29 -15.45
N THR B 77 15.75 2.29 -14.58
CA THR B 77 14.83 2.62 -13.52
C THR B 77 14.46 4.10 -13.46
N THR B 78 14.91 4.90 -14.42
CA THR B 78 14.60 6.34 -14.35
C THR B 78 14.13 6.89 -15.70
N VAL B 79 13.09 7.71 -15.63
CA VAL B 79 12.60 8.51 -16.75
C VAL B 79 12.88 9.96 -16.41
N THR B 80 13.27 10.73 -17.41
CA THR B 80 13.47 12.15 -17.21
C THR B 80 12.55 12.94 -18.10
N LEU B 81 12.18 14.12 -17.63
CA LEU B 81 11.38 15.07 -18.39
C LEU B 81 12.10 16.41 -18.31
N GLN B 82 12.70 16.83 -19.42
CA GLN B 82 13.33 18.14 -19.52
C GLN B 82 12.31 19.15 -20.04
N MET B 83 12.23 20.30 -19.38
CA MET B 83 11.27 21.35 -19.71
C MET B 83 12.02 22.65 -19.86
N THR B 84 11.73 23.40 -20.93
CA THR B 84 12.38 24.67 -21.20
C THR B 84 11.35 25.79 -21.32
N GLY B 85 11.83 27.02 -21.25
CA GLY B 85 10.98 28.19 -21.46
C GLY B 85 9.80 28.26 -20.52
N LEU B 86 10.01 27.92 -19.25
CA LEU B 86 8.90 27.79 -18.31
C LEU B 86 8.27 29.15 -18.03
N THR B 87 6.94 29.15 -17.89
CA THR B 87 6.20 30.32 -17.42
C THR B 87 5.24 29.87 -16.32
N ALA B 88 4.50 30.85 -15.78
CA ALA B 88 3.51 30.55 -14.74
C ALA B 88 2.47 29.55 -15.21
N ALA B 89 2.24 29.46 -16.52
CA ALA B 89 1.30 28.47 -17.05
C ALA B 89 1.79 27.04 -16.86
N ASP B 90 3.07 26.85 -16.52
CA ASP B 90 3.64 25.53 -16.31
C ASP B 90 3.70 25.13 -14.85
N THR B 91 3.34 26.03 -13.92
CA THR B 91 3.25 25.67 -12.52
C THR B 91 2.22 24.57 -12.35
N ALA B 92 2.63 23.46 -11.76
CA ALA B 92 1.75 22.28 -11.69
C ALA B 92 2.43 21.22 -10.86
N THR B 93 1.65 20.23 -10.48
CA THR B 93 2.18 18.96 -10.02
C THR B 93 2.42 18.10 -11.25
N TYR B 94 3.62 17.54 -11.33
CA TYR B 94 4.01 16.69 -12.46
C TYR B 94 4.06 15.25 -11.97
N PHE B 95 3.26 14.39 -12.61
CA PHE B 95 3.16 12.99 -12.26
C PHE B 95 3.82 12.13 -13.33
N CYS B 96 4.55 11.12 -12.88
CA CYS B 96 4.99 10.02 -13.71
C CYS B 96 3.97 8.89 -13.60
N ALA B 97 3.72 8.19 -14.71
CA ALA B 97 2.74 7.12 -14.69
C ALA B 97 3.17 6.01 -15.64
N ARG B 98 2.83 4.78 -15.27
CA ARG B 98 3.07 3.60 -16.09
C ARG B 98 1.75 3.16 -16.74
N GLU B 99 1.79 2.99 -18.06
CA GLU B 99 0.63 2.46 -18.77
C GLU B 99 0.30 1.05 -18.30
N GLY B 100 -0.97 0.79 -18.00
CA GLY B 100 -1.39 -0.54 -17.65
C GLY B 100 -1.49 -1.46 -18.85
N ALA B 101 -1.49 -2.76 -18.58
CA ALA B 101 -1.56 -3.78 -19.62
C ALA B 101 -2.31 -4.99 -19.11
N ASP B 102 -3.09 -5.61 -20.00
CA ASP B 102 -3.75 -6.88 -19.72
C ASP B 102 -3.21 -8.01 -20.59
N GLY B 103 -2.07 -7.77 -21.24
CA GLY B 103 -1.35 -8.78 -21.96
C GLY B 103 0.11 -8.39 -22.02
N PRO B 104 0.98 -9.32 -22.43
CA PRO B 104 2.43 -9.10 -22.32
C PRO B 104 3.05 -8.29 -23.45
N ASP B 105 2.30 -7.96 -24.50
CA ASP B 105 2.89 -7.41 -25.71
C ASP B 105 2.76 -5.91 -25.84
N TYR B 106 1.73 -5.31 -25.24
CA TYR B 106 1.50 -3.87 -25.32
C TYR B 106 0.42 -3.52 -24.31
N GLY B 107 0.30 -2.22 -24.02
CA GLY B 107 -0.61 -1.73 -23.00
C GLY B 107 -1.98 -1.38 -23.54
N TYR B 108 -2.85 -0.96 -22.62
CA TYR B 108 -4.23 -0.63 -22.97
C TYR B 108 -4.51 0.88 -22.90
N ALA B 109 -3.47 1.70 -22.97
CA ALA B 109 -3.64 3.16 -23.15
C ALA B 109 -4.45 3.80 -22.03
N ALA B 110 -4.21 3.34 -20.80
CA ALA B 110 -4.66 3.98 -19.57
C ALA B 110 -3.55 3.78 -18.55
N PHE B 111 -3.55 4.60 -17.51
CA PHE B 111 -2.43 4.65 -16.57
C PHE B 111 -2.82 4.00 -15.25
N SER B 112 -2.21 2.85 -14.98
CA SER B 112 -2.56 2.09 -13.77
C SER B 112 -1.70 2.45 -12.56
N LEU B 113 -0.43 2.83 -12.76
CA LEU B 113 0.48 3.09 -11.66
C LEU B 113 0.98 4.53 -11.75
N TRP B 114 0.88 5.27 -10.66
CA TRP B 114 1.21 6.69 -10.61
C TRP B 114 2.12 6.97 -9.43
N GLY B 115 3.02 7.93 -9.62
CA GLY B 115 3.77 8.45 -8.50
C GLY B 115 2.98 9.49 -7.74
N PRO B 116 3.51 9.93 -6.60
CA PRO B 116 2.81 10.96 -5.80
C PRO B 116 2.87 12.35 -6.42
N GLY B 117 3.77 12.59 -7.36
CA GLY B 117 3.90 13.91 -7.98
C GLY B 117 5.05 14.70 -7.40
N THR B 118 5.60 15.61 -8.22
CA THR B 118 6.56 16.60 -7.76
C THR B 118 6.11 17.96 -8.28
N LEU B 119 6.32 19.00 -7.48
CA LEU B 119 5.72 20.31 -7.75
C LEU B 119 6.73 21.21 -8.43
N VAL B 120 6.30 21.83 -9.53
CA VAL B 120 7.08 22.85 -10.23
C VAL B 120 6.38 24.19 -10.03
N THR B 121 7.12 25.17 -9.51
CA THR B 121 6.58 26.50 -9.23
C THR B 121 7.37 27.52 -10.03
N VAL B 122 6.73 28.16 -11.00
CA VAL B 122 7.41 29.13 -11.85
C VAL B 122 7.04 30.52 -11.34
N SER B 123 8.02 31.19 -10.74
CA SER B 123 7.78 32.47 -10.10
C SER B 123 9.08 33.25 -10.07
N SER B 124 8.96 34.58 -10.08
CA SER B 124 10.11 35.42 -9.88
C SER B 124 10.45 35.62 -8.40
N GLY B 125 9.61 35.11 -7.50
CA GLY B 125 9.86 35.28 -6.09
C GLY B 125 10.98 34.39 -5.57
N GLN B 126 11.50 34.75 -4.43
CA GLN B 126 12.58 34.01 -3.81
C GLN B 126 12.02 32.97 -2.86
N PRO B 127 12.75 31.89 -2.60
CA PRO B 127 12.30 30.92 -1.59
C PRO B 127 12.17 31.61 -0.24
N LYS B 128 11.07 31.30 0.46
CA LYS B 128 10.78 31.94 1.74
C LYS B 128 10.30 30.87 2.72
N ALA B 129 10.97 30.78 3.87
CA ALA B 129 10.58 29.81 4.88
C ALA B 129 9.33 30.29 5.61
N PRO B 130 8.50 29.36 6.07
CA PRO B 130 7.27 29.76 6.77
C PRO B 130 7.54 30.25 8.18
N SER B 131 6.66 31.13 8.64
CA SER B 131 6.58 31.47 10.05
C SER B 131 5.50 30.60 10.67
N VAL B 132 5.79 30.03 11.84
CA VAL B 132 4.89 29.10 12.50
C VAL B 132 4.40 29.71 13.81
N PHE B 133 3.07 29.76 13.99
CA PHE B 133 2.50 30.34 15.21
C PHE B 133 1.53 29.34 15.84
N PRO B 134 1.51 29.26 17.17
CA PRO B 134 0.55 28.36 17.83
C PRO B 134 -0.86 28.89 17.73
N LEU B 135 -1.81 27.97 17.71
CA LEU B 135 -3.24 28.26 17.81
C LEU B 135 -3.75 27.63 19.09
N ALA B 136 -4.32 28.44 19.96
CA ALA B 136 -4.83 27.96 21.24
C ALA B 136 -6.03 28.81 21.63
N PRO B 137 -6.95 28.28 22.43
CA PRO B 137 -8.11 29.08 22.82
C PRO B 137 -7.70 30.29 23.64
N CYS B 138 -8.55 31.32 23.59
CA CYS B 138 -8.34 32.53 24.38
C CYS B 138 -8.02 32.19 25.82
N CYS B 139 -7.01 32.87 26.35
CA CYS B 139 -6.61 32.77 27.76
C CYS B 139 -7.80 32.80 28.70
N GLY B 140 -8.74 33.74 28.48
CA GLY B 140 -9.85 33.92 29.40
C GLY B 140 -10.92 32.87 29.34
N ASP B 141 -10.89 31.98 28.35
CA ASP B 141 -11.92 30.95 28.24
C ASP B 141 -11.80 29.94 29.37
N THR B 142 -12.92 29.30 29.68
CA THR B 142 -12.95 28.28 30.73
C THR B 142 -12.19 27.06 30.28
N PRO B 143 -11.30 26.51 31.11
CA PRO B 143 -10.57 25.30 30.72
C PRO B 143 -11.48 24.09 30.63
N SER B 144 -10.98 23.07 29.91
CA SER B 144 -11.69 21.83 29.71
C SER B 144 -10.69 20.68 29.76
N SER B 145 -11.21 19.46 29.93
CA SER B 145 -10.37 18.28 29.90
C SER B 145 -9.93 17.91 28.48
N THR B 146 -10.61 18.45 27.46
CA THR B 146 -10.21 18.25 26.07
C THR B 146 -10.06 19.61 25.42
N VAL B 147 -9.11 19.72 24.50
CA VAL B 147 -8.82 21.00 23.87
C VAL B 147 -8.38 20.75 22.44
N THR B 148 -8.74 21.67 21.55
CA THR B 148 -8.24 21.67 20.18
C THR B 148 -7.14 22.73 20.09
N LEU B 149 -5.96 22.30 19.65
CA LEU B 149 -4.80 23.17 19.49
C LEU B 149 -4.34 23.07 18.05
N GLY B 150 -3.48 24.01 17.64
CA GLY B 150 -3.07 23.98 16.25
C GLY B 150 -1.82 24.78 16.00
N CYS B 151 -1.41 24.80 14.72
CA CYS B 151 -0.33 25.65 14.26
C CYS B 151 -0.76 26.32 12.96
N LEU B 152 -0.45 27.60 12.87
CA LEU B 152 -0.62 28.35 11.64
C LEU B 152 0.75 28.46 10.97
N VAL B 153 0.85 28.05 9.71
CA VAL B 153 2.08 28.03 8.94
C VAL B 153 1.95 29.07 7.84
N LYS B 154 2.63 30.20 7.98
CA LYS B 154 2.28 31.42 7.25
C LYS B 154 3.44 31.88 6.37
N GLY B 155 3.11 32.24 5.12
CA GLY B 155 4.01 33.03 4.29
C GLY B 155 5.21 32.31 3.73
N TYR B 156 5.02 31.14 3.13
CA TYR B 156 6.13 30.37 2.57
C TYR B 156 6.01 30.27 1.05
N LEU B 157 7.15 29.96 0.43
CA LEU B 157 7.25 29.76 -1.01
C LEU B 157 8.49 28.93 -1.31
N PRO B 158 8.39 27.89 -2.15
CA PRO B 158 7.18 27.36 -2.78
C PRO B 158 6.56 26.30 -1.90
N GLU B 159 5.42 25.76 -2.33
CA GLU B 159 4.94 24.54 -1.73
CA GLU B 159 4.93 24.54 -1.75
C GLU B 159 5.94 23.42 -2.03
N PRO B 160 5.92 22.35 -1.22
CA PRO B 160 5.05 22.09 -0.07
C PRO B 160 5.73 22.35 1.24
N VAL B 161 4.92 22.39 2.31
CA VAL B 161 5.40 22.13 3.66
C VAL B 161 4.80 20.81 4.08
N THR B 162 5.44 20.16 5.05
CA THR B 162 4.87 19.00 5.71
C THR B 162 4.64 19.33 7.16
N VAL B 163 3.45 19.01 7.66
CA VAL B 163 3.09 19.23 9.05
C VAL B 163 2.78 17.88 9.68
N THR B 164 3.44 17.58 10.79
CA THR B 164 3.10 16.42 11.61
C THR B 164 2.92 16.89 13.04
N TRP B 165 2.37 16.02 13.87
CA TRP B 165 2.17 16.28 15.28
C TRP B 165 2.91 15.20 16.07
N ASN B 166 3.66 15.64 17.08
CA ASN B 166 4.43 14.73 17.93
C ASN B 166 5.24 13.73 17.09
N SER B 167 5.96 14.26 16.09
CA SER B 167 6.85 13.47 15.23
C SER B 167 6.09 12.40 14.45
N GLY B 168 4.81 12.66 14.16
CA GLY B 168 4.01 11.73 13.41
C GLY B 168 3.31 10.67 14.24
N THR B 169 3.53 10.67 15.56
CA THR B 169 2.89 9.70 16.44
C THR B 169 1.49 10.12 16.87
N LEU B 170 1.11 11.37 16.60
CA LEU B 170 -0.24 11.87 16.89
C LEU B 170 -0.93 12.11 15.55
N THR B 171 -1.93 11.28 15.25
CA THR B 171 -2.62 11.36 13.97
C THR B 171 -4.13 11.40 14.12
N ASN B 172 -4.65 10.76 15.16
CA ASN B 172 -6.10 10.74 15.38
C ASN B 172 -6.61 12.15 15.62
N GLY B 173 -7.62 12.53 14.84
CA GLY B 173 -8.22 13.83 15.03
C GLY B 173 -7.39 14.99 14.54
N VAL B 174 -6.45 14.76 13.63
CA VAL B 174 -5.67 15.84 13.02
C VAL B 174 -6.39 16.30 11.76
N ARG B 175 -6.58 17.61 11.65
CA ARG B 175 -7.11 18.23 10.44
C ARG B 175 -6.07 19.21 9.93
N THR B 176 -5.44 18.89 8.80
CA THR B 176 -4.49 19.78 8.15
C THR B 176 -5.15 20.29 6.89
N PHE B 177 -5.41 21.59 6.86
CA PHE B 177 -6.21 22.17 5.79
C PHE B 177 -5.37 22.41 4.54
N PRO B 178 -6.00 22.35 3.36
CA PRO B 178 -5.28 22.70 2.13
C PRO B 178 -4.69 24.10 2.24
N SER B 179 -3.53 24.28 1.61
CA SER B 179 -2.90 25.59 1.60
C SER B 179 -3.74 26.56 0.79
N VAL B 180 -3.53 27.85 1.05
CA VAL B 180 -4.11 28.93 0.28
C VAL B 180 -2.99 29.86 -0.16
N ARG B 181 -3.03 30.29 -1.41
CA ARG B 181 -2.03 31.19 -1.97
C ARG B 181 -2.55 32.61 -1.88
N GLN B 182 -1.86 33.45 -1.10
CA GLN B 182 -2.22 34.85 -1.01
C GLN B 182 -1.86 35.57 -2.31
N SER B 183 -2.38 36.80 -2.44
CA SER B 183 -2.11 37.61 -3.65
C SER B 183 -0.62 37.90 -3.81
N SER B 184 0.13 37.89 -2.71
CA SER B 184 1.57 38.04 -2.79
C SER B 184 2.24 36.84 -3.45
N GLY B 185 1.52 35.74 -3.66
CA GLY B 185 2.11 34.52 -4.17
C GLY B 185 2.65 33.60 -3.10
N LEU B 186 2.69 34.05 -1.84
CA LEU B 186 3.09 33.20 -0.73
C LEU B 186 1.92 32.32 -0.32
N TYR B 187 2.24 31.22 0.37
CA TYR B 187 1.24 30.28 0.82
C TYR B 187 1.10 30.30 2.34
N SER B 188 -0.07 29.87 2.81
CA SER B 188 -0.29 29.62 4.22
C SER B 188 -1.14 28.38 4.37
N LEU B 189 -1.02 27.75 5.54
CA LEU B 189 -1.93 26.68 5.90
C LEU B 189 -1.99 26.57 7.42
N SER B 190 -3.00 25.87 7.90
CA SER B 190 -3.14 25.62 9.31
C SER B 190 -3.44 24.15 9.53
N SER B 191 -3.12 23.68 10.74
CA SER B 191 -3.39 22.30 11.13
C SER B 191 -3.86 22.35 12.58
N VAL B 192 -4.89 21.58 12.89
CA VAL B 192 -5.42 21.51 14.26
C VAL B 192 -5.55 20.05 14.68
N VAL B 193 -5.48 19.83 16.00
CA VAL B 193 -5.63 18.51 16.60
C VAL B 193 -6.37 18.65 17.92
N SER B 194 -7.25 17.68 18.21
CA SER B 194 -7.99 17.64 19.46
CA SER B 194 -7.99 17.64 19.46
C SER B 194 -7.34 16.59 20.36
N VAL B 195 -7.07 16.97 21.61
CA VAL B 195 -6.40 16.09 22.56
C VAL B 195 -7.03 16.24 23.94
N THR B 196 -6.78 15.26 24.80
CA THR B 196 -7.13 15.41 26.20
C THR B 196 -6.08 16.27 26.88
N SER B 197 -6.53 17.19 27.73
CA SER B 197 -5.62 18.13 28.37
C SER B 197 -4.58 17.45 29.25
N SER B 198 -4.82 16.19 29.64
CA SER B 198 -3.79 15.45 30.37
C SER B 198 -2.70 14.95 29.43
N SER B 199 -3.11 14.35 28.30
CA SER B 199 -2.17 13.75 27.35
C SER B 199 -1.56 14.84 26.47
N GLN B 200 -0.57 15.53 27.03
CA GLN B 200 0.29 16.49 26.35
C GLN B 200 1.71 16.08 26.74
N PRO B 201 2.79 16.76 26.28
CA PRO B 201 2.90 17.93 25.38
C PRO B 201 2.50 17.63 23.95
N VAL B 202 1.99 18.64 23.24
CA VAL B 202 1.62 18.53 21.85
C VAL B 202 2.48 19.50 21.04
N THR B 203 3.16 18.97 20.03
CA THR B 203 4.12 19.74 19.25
C THR B 203 3.85 19.54 17.77
N CYS B 204 3.80 20.62 17.01
CA CYS B 204 3.70 20.53 15.57
C CYS B 204 5.09 20.63 14.95
N ASN B 205 5.36 19.75 14.00
CA ASN B 205 6.64 19.67 13.31
C ASN B 205 6.39 20.14 11.89
N VAL B 206 7.01 21.24 11.51
CA VAL B 206 6.79 21.88 10.21
C VAL B 206 8.09 21.84 9.44
N ALA B 207 8.08 21.20 8.27
CA ALA B 207 9.26 21.11 7.42
C ALA B 207 9.00 21.82 6.11
N HIS B 208 9.98 22.58 5.63
CA HIS B 208 9.91 23.25 4.34
C HIS B 208 11.17 22.89 3.57
N PRO B 209 11.12 21.86 2.73
CA PRO B 209 12.34 21.36 2.08
C PRO B 209 13.09 22.40 1.26
N ALA B 210 12.37 23.31 0.60
CA ALA B 210 13.02 24.26 -0.29
C ALA B 210 13.96 25.20 0.46
N THR B 211 13.66 25.51 1.71
CA THR B 211 14.56 26.31 2.54
C THR B 211 15.34 25.47 3.53
N ASN B 212 15.19 24.15 3.50
CA ASN B 212 15.87 23.24 4.42
C ASN B 212 15.60 23.63 5.87
N THR B 213 14.36 24.02 6.16
CA THR B 213 13.99 24.43 7.50
C THR B 213 13.06 23.40 8.12
N LYS B 214 13.20 23.24 9.43
CA LYS B 214 12.36 22.37 10.23
C LYS B 214 12.13 23.07 11.56
N VAL B 215 10.87 23.31 11.89
CA VAL B 215 10.49 24.04 13.09
C VAL B 215 9.56 23.16 13.90
N ASP B 216 9.84 23.06 15.20
CA ASP B 216 8.94 22.40 16.14
C ASP B 216 8.35 23.46 17.05
N LYS B 217 7.02 23.47 17.17
CA LYS B 217 6.33 24.42 18.04
C LYS B 217 5.50 23.62 19.03
N THR B 218 5.85 23.69 20.31
CA THR B 218 5.06 23.05 21.36
C THR B 218 3.94 24.01 21.76
N VAL B 219 2.70 23.58 21.56
CA VAL B 219 1.54 24.45 21.69
C VAL B 219 0.92 24.21 23.06
N ALA B 220 0.97 25.22 23.91
CA ALA B 220 0.40 25.10 25.25
C ALA B 220 -1.03 25.59 25.23
N PRO B 221 -1.93 24.91 25.95
CA PRO B 221 -3.33 25.37 25.99
C PRO B 221 -3.42 26.76 26.60
N SER B 222 -4.33 27.56 26.05
CA SER B 222 -4.54 28.97 26.38
C SER B 222 -3.51 29.88 25.71
N THR B 223 -3.93 31.09 25.35
CA THR B 223 -3.00 32.13 24.95
C THR B 223 -2.30 32.78 26.13
N CYS B 224 -2.76 32.52 27.35
CA CYS B 224 -2.18 33.12 28.55
C CYS B 224 -0.78 32.58 28.86
N ASP C 1 14.41 -15.50 31.43
CA ASP C 1 13.65 -15.02 30.29
C ASP C 1 12.20 -15.49 30.37
N VAL C 2 11.29 -14.60 30.00
CA VAL C 2 9.87 -14.93 30.02
C VAL C 2 9.54 -15.86 28.86
N VAL C 3 8.69 -16.86 29.13
CA VAL C 3 8.18 -17.77 28.11
C VAL C 3 6.65 -17.60 28.06
N MET C 4 6.13 -17.43 26.84
CA MET C 4 4.70 -17.30 26.61
C MET C 4 4.15 -18.64 26.11
N THR C 5 3.18 -19.19 26.84
CA THR C 5 2.52 -20.44 26.46
C THR C 5 1.18 -20.08 25.81
N GLN C 6 1.10 -20.26 24.50
CA GLN C 6 -0.06 -19.83 23.72
C GLN C 6 -0.92 -21.04 23.36
N THR C 7 -2.23 -20.96 23.62
CA THR C 7 -3.14 -22.04 23.30
C THR C 7 -4.41 -21.46 22.69
N PRO C 8 -5.11 -22.25 21.84
CA PRO C 8 -4.73 -23.58 21.34
C PRO C 8 -3.73 -23.45 20.21
N ALA C 9 -3.09 -24.55 19.80
CA ALA C 9 -2.20 -24.50 18.65
C ALA C 9 -2.99 -24.28 17.35
N SER C 10 -4.22 -24.79 17.29
CA SER C 10 -5.07 -24.62 16.12
C SER C 10 -6.51 -24.58 16.58
N VAL C 11 -7.33 -23.83 15.84
CA VAL C 11 -8.75 -23.72 16.15
C VAL C 11 -9.52 -23.45 14.86
N GLU C 12 -10.73 -23.99 14.80
CA GLU C 12 -11.61 -23.82 13.66
C GLU C 12 -12.93 -23.24 14.17
N ALA C 13 -13.47 -22.29 13.41
CA ALA C 13 -14.77 -21.70 13.74
C ALA C 13 -15.45 -21.25 12.46
N ALA C 14 -16.78 -21.23 12.50
CA ALA C 14 -17.56 -20.89 11.32
C ALA C 14 -17.41 -19.41 10.98
N VAL C 15 -17.63 -19.10 9.69
CA VAL C 15 -17.83 -17.71 9.29
C VAL C 15 -18.90 -17.09 10.18
N GLY C 16 -18.62 -15.89 10.69
CA GLY C 16 -19.50 -15.22 11.62
C GLY C 16 -19.30 -15.59 13.06
N GLY C 17 -18.46 -16.58 13.34
CA GLY C 17 -18.24 -17.06 14.69
C GLY C 17 -17.12 -16.33 15.41
N THR C 18 -16.62 -16.97 16.46
CA THR C 18 -15.70 -16.36 17.40
C THR C 18 -14.59 -17.34 17.73
N VAL C 19 -13.36 -16.85 17.72
CA VAL C 19 -12.19 -17.61 18.15
C VAL C 19 -11.56 -16.89 19.33
N THR C 20 -11.07 -17.65 20.32
CA THR C 20 -10.41 -17.09 21.49
C THR C 20 -9.04 -17.75 21.65
N ILE C 21 -8.01 -16.92 21.83
CA ILE C 21 -6.63 -17.38 22.00
C ILE C 21 -6.12 -16.86 23.33
N LYS C 22 -5.43 -17.73 24.09
CA LYS C 22 -4.94 -17.41 25.42
C LYS C 22 -3.43 -17.50 25.43
N CYS C 23 -2.78 -16.57 26.12
CA CYS C 23 -1.34 -16.59 26.32
C CYS C 23 -1.03 -16.43 27.79
N GLN C 24 -0.26 -17.37 28.33
CA GLN C 24 0.09 -17.41 29.74
C GLN C 24 1.58 -17.16 29.86
N ALA C 25 1.94 -16.19 30.71
CA ALA C 25 3.33 -15.82 30.91
C ALA C 25 3.93 -16.60 32.08
N SER C 26 5.19 -17.00 31.93
CA SER C 26 5.85 -17.77 32.97
C SER C 26 6.17 -16.94 34.21
N GLN C 27 6.13 -15.61 34.11
CA GLN C 27 6.20 -14.72 35.26
C GLN C 27 5.27 -13.54 35.01
N SER C 28 5.01 -12.78 36.07
CA SER C 28 4.19 -11.58 35.92
C SER C 28 4.87 -10.60 34.96
N ILE C 29 4.09 -10.08 34.02
CA ILE C 29 4.59 -9.16 33.01
C ILE C 29 3.70 -7.93 32.98
N SER C 30 4.22 -6.87 32.35
CA SER C 30 3.50 -5.62 32.19
C SER C 30 2.53 -5.73 31.02
N ASN C 31 1.73 -4.67 30.83
CA ASN C 31 0.76 -4.64 29.75
C ASN C 31 1.34 -4.13 28.44
N TYR C 32 2.67 -4.06 28.31
CA TYR C 32 3.31 -3.87 27.00
C TYR C 32 3.28 -5.19 26.25
N PHE C 33 2.07 -5.54 25.81
CA PHE C 33 1.73 -6.85 25.29
C PHE C 33 1.03 -6.63 23.97
N SER C 34 1.31 -7.48 22.98
CA SER C 34 0.82 -7.24 21.64
C SER C 34 0.37 -8.53 20.98
N TRP C 35 -0.42 -8.37 19.92
CA TRP C 35 -0.95 -9.48 19.14
C TRP C 35 -0.74 -9.19 17.66
N TYR C 36 -0.42 -10.25 16.92
CA TYR C 36 -0.09 -10.15 15.50
C TYR C 36 -0.88 -11.18 14.71
N GLN C 37 -1.17 -10.83 13.46
CA GLN C 37 -1.80 -11.70 12.49
C GLN C 37 -0.78 -11.96 11.39
N GLN C 38 -0.56 -13.22 11.03
CA GLN C 38 0.37 -13.54 9.96
C GLN C 38 -0.27 -14.47 8.94
N LYS C 39 -0.40 -14.00 7.73
CA LYS C 39 -0.87 -14.87 6.65
C LYS C 39 0.32 -15.51 5.94
N PRO C 40 0.14 -16.69 5.36
CA PRO C 40 1.28 -17.42 4.78
C PRO C 40 2.02 -16.57 3.74
N GLY C 41 3.34 -16.57 3.85
CA GLY C 41 4.16 -15.84 2.90
C GLY C 41 4.25 -14.35 3.17
N GLN C 42 3.56 -13.86 4.17
CA GLN C 42 3.57 -12.45 4.50
C GLN C 42 4.24 -12.23 5.85
N PRO C 43 4.71 -11.02 6.13
CA PRO C 43 5.18 -10.70 7.47
C PRO C 43 4.01 -10.59 8.43
N PRO C 44 4.27 -10.65 9.73
CA PRO C 44 3.19 -10.40 10.69
C PRO C 44 2.64 -8.98 10.55
N LYS C 45 1.38 -8.82 10.95
CA LYS C 45 0.71 -7.53 11.00
C LYS C 45 0.31 -7.26 12.45
N LEU C 46 0.68 -6.09 12.96
CA LEU C 46 0.32 -5.74 14.33
C LEU C 46 -1.19 -5.48 14.43
N LEU C 47 -1.85 -6.17 15.36
CA LEU C 47 -3.27 -5.97 15.60
C LEU C 47 -3.53 -5.09 16.83
N ILE C 48 -2.82 -5.37 17.92
CA ILE C 48 -3.10 -4.79 19.23
C ILE C 48 -1.77 -4.57 19.92
N TYR C 49 -1.62 -3.42 20.59
CA TYR C 49 -0.47 -3.15 21.44
C TYR C 49 -0.98 -2.60 22.77
N LYS C 50 -0.07 -2.52 23.74
CA LYS C 50 -0.45 -2.14 25.11
C LYS C 50 -1.65 -2.95 25.60
N ALA C 51 -1.66 -4.24 25.26
CA ALA C 51 -2.64 -5.23 25.69
C ALA C 51 -4.01 -5.12 25.03
N SER C 52 -4.50 -3.90 24.81
CA SER C 52 -5.86 -3.76 24.32
C SER C 52 -6.08 -2.63 23.32
N THR C 53 -5.05 -1.89 22.93
CA THR C 53 -5.23 -0.79 21.98
C THR C 53 -5.13 -1.31 20.55
N LEU C 54 -6.13 -0.95 19.73
CA LEU C 54 -6.14 -1.36 18.33
C LEU C 54 -5.13 -0.57 17.52
N ALA C 55 -4.35 -1.27 16.71
CA ALA C 55 -3.50 -0.61 15.72
C ALA C 55 -4.38 0.04 14.66
N SER C 56 -3.79 1.00 13.94
CA SER C 56 -4.53 1.77 12.96
C SER C 56 -5.24 0.86 11.96
N GLY C 57 -6.53 1.11 11.75
CA GLY C 57 -7.30 0.38 10.77
C GLY C 57 -7.81 -0.99 11.20
N VAL C 58 -7.44 -1.47 12.38
CA VAL C 58 -7.87 -2.80 12.83
C VAL C 58 -9.25 -2.65 13.49
N PRO C 59 -10.25 -3.43 13.07
CA PRO C 59 -11.60 -3.29 13.62
C PRO C 59 -11.72 -3.84 15.03
N SER C 60 -12.72 -3.34 15.76
CA SER C 60 -12.85 -3.69 17.18
C SER C 60 -13.37 -5.10 17.40
N ARG C 61 -13.72 -5.85 16.35
CA ARG C 61 -13.98 -7.27 16.53
C ARG C 61 -12.70 -8.06 16.85
N PHE C 62 -11.54 -7.44 16.76
CA PHE C 62 -10.33 -7.97 17.41
C PHE C 62 -10.22 -7.32 18.78
N LYS C 63 -10.29 -8.12 19.82
CA LYS C 63 -10.34 -7.60 21.18
C LYS C 63 -9.24 -8.24 22.01
N GLY C 64 -8.28 -7.43 22.47
CA GLY C 64 -7.24 -7.88 23.38
C GLY C 64 -7.62 -7.54 24.80
N SER C 65 -7.37 -8.48 25.71
CA SER C 65 -7.74 -8.30 27.11
C SER C 65 -6.73 -9.03 27.99
N GLY C 66 -6.90 -8.90 29.30
CA GLY C 66 -6.05 -9.59 30.26
C GLY C 66 -4.98 -8.68 30.84
N SER C 67 -4.23 -9.26 31.77
CA SER C 67 -3.14 -8.60 32.47
C SER C 67 -2.45 -9.64 33.33
N GLY C 68 -1.34 -9.25 33.95
CA GLY C 68 -0.65 -10.09 34.91
C GLY C 68 0.12 -11.23 34.29
N THR C 69 -0.44 -12.43 34.32
CA THR C 69 0.19 -13.56 33.66
C THR C 69 -0.69 -14.18 32.59
N GLU C 70 -1.86 -13.61 32.29
CA GLU C 70 -2.77 -14.22 31.34
C GLU C 70 -3.43 -13.17 30.47
N PHE C 71 -3.22 -13.28 29.16
CA PHE C 71 -3.76 -12.36 28.17
C PHE C 71 -4.57 -13.12 27.15
N THR C 72 -5.55 -12.44 26.55
CA THR C 72 -6.52 -13.10 25.68
C THR C 72 -6.76 -12.25 24.44
N LEU C 73 -6.90 -12.92 23.30
CA LEU C 73 -7.36 -12.29 22.06
C LEU C 73 -8.68 -12.95 21.67
N THR C 74 -9.71 -12.15 21.45
CA THR C 74 -11.02 -12.61 21.01
C THR C 74 -11.29 -12.03 19.63
N ILE C 75 -11.51 -12.90 18.65
CA ILE C 75 -11.83 -12.48 17.29
C ILE C 75 -13.27 -12.87 17.03
N SER C 76 -14.14 -11.89 16.86
CA SER C 76 -15.54 -12.17 16.60
C SER C 76 -15.91 -11.75 15.18
N ASP C 77 -17.15 -12.07 14.79
CA ASP C 77 -17.62 -11.85 13.42
C ASP C 77 -16.60 -12.34 12.40
N LEU C 78 -16.16 -13.57 12.60
CA LEU C 78 -15.03 -14.13 11.84
C LEU C 78 -15.34 -14.11 10.35
N GLU C 79 -14.32 -13.75 9.56
CA GLU C 79 -14.39 -13.69 8.11
C GLU C 79 -13.37 -14.66 7.51
N CYS C 80 -13.62 -15.09 6.27
CA CYS C 80 -12.62 -15.90 5.57
C CYS C 80 -11.28 -15.19 5.51
N ALA C 81 -11.27 -13.86 5.42
CA ALA C 81 -10.05 -13.09 5.39
C ALA C 81 -9.26 -13.16 6.70
N ASP C 82 -9.86 -13.67 7.77
CA ASP C 82 -9.15 -13.81 9.05
C ASP C 82 -8.34 -15.08 9.15
N ALA C 83 -8.42 -15.98 8.18
CA ALA C 83 -7.62 -17.19 8.19
C ALA C 83 -6.14 -16.80 8.21
N ALA C 84 -5.44 -17.23 9.25
CA ALA C 84 -4.07 -16.81 9.47
C ALA C 84 -3.52 -17.49 10.70
N THR C 85 -2.25 -17.27 10.99
CA THR C 85 -1.65 -17.68 12.26
C THR C 85 -1.46 -16.43 13.11
N TYR C 86 -1.89 -16.49 14.36
CA TYR C 86 -1.83 -15.34 15.26
C TYR C 86 -0.79 -15.60 16.34
N TYR C 87 -0.12 -14.54 16.79
CA TYR C 87 0.92 -14.63 17.80
C TYR C 87 0.73 -13.57 18.87
N CYS C 88 0.94 -13.95 20.13
CA CYS C 88 1.08 -12.96 21.18
C CYS C 88 2.55 -12.62 21.37
N GLN C 89 2.79 -11.48 22.02
CA GLN C 89 4.16 -11.03 22.27
C GLN C 89 4.22 -10.22 23.56
N SER C 90 5.15 -10.58 24.44
CA SER C 90 5.44 -9.83 25.66
C SER C 90 6.75 -9.07 25.50
N PHE C 91 6.74 -7.80 25.89
CA PHE C 91 7.97 -7.13 26.23
C PHE C 91 8.18 -7.25 27.73
N TYR C 92 9.40 -7.59 28.13
CA TYR C 92 9.72 -7.76 29.54
C TYR C 92 11.12 -7.25 29.79
N GLY C 93 11.39 -6.89 31.04
CA GLY C 93 12.69 -6.33 31.37
C GLY C 93 12.83 -6.13 32.86
N SER C 94 13.97 -5.57 33.23
CA SER C 94 14.33 -5.33 34.62
C SER C 94 14.95 -3.95 34.73
N VAL C 95 14.47 -3.15 35.68
CA VAL C 95 15.03 -1.83 35.92
C VAL C 95 16.40 -1.90 36.58
N THR C 96 16.79 -3.08 37.05
CA THR C 96 18.00 -3.28 37.83
C THR C 96 19.16 -3.85 37.02
N SER C 97 18.87 -4.61 35.97
CA SER C 97 19.89 -5.38 35.29
C SER C 97 19.70 -5.27 33.78
N ASP C 98 20.67 -5.83 33.06
CA ASP C 98 20.66 -5.86 31.59
C ASP C 98 19.99 -7.16 31.12
N TYR C 99 18.72 -7.30 31.50
CA TYR C 99 17.91 -8.49 31.24
C TYR C 99 16.59 -8.02 30.64
N GLY C 100 16.18 -8.65 29.55
CA GLY C 100 14.85 -8.39 29.00
C GLY C 100 14.84 -8.56 27.49
N GLY C 101 13.69 -8.29 26.93
CA GLY C 101 13.53 -8.39 25.49
C GLY C 101 12.10 -8.73 25.13
N PHE C 102 11.94 -9.54 24.07
CA PHE C 102 10.66 -9.83 23.46
C PHE C 102 10.46 -11.33 23.38
N ALA C 103 9.32 -11.81 23.90
CA ALA C 103 8.96 -13.22 23.88
C ALA C 103 7.66 -13.38 23.12
N PHE C 104 7.65 -14.31 22.16
CA PHE C 104 6.47 -14.60 21.37
C PHE C 104 5.82 -15.90 21.83
N GLY C 105 4.50 -15.94 21.80
CA GLY C 105 3.83 -17.21 21.91
C GLY C 105 4.10 -18.07 20.67
N GLY C 106 3.77 -19.35 20.79
CA GLY C 106 4.07 -20.29 19.72
C GLY C 106 3.16 -20.21 18.51
N GLY C 107 2.09 -19.45 18.60
CA GLY C 107 1.18 -19.23 17.48
C GLY C 107 -0.07 -20.09 17.57
N THR C 108 -1.14 -19.59 16.93
CA THR C 108 -2.41 -20.31 16.80
C THR C 108 -2.83 -20.22 15.35
N GLU C 109 -2.97 -21.38 14.69
CA GLU C 109 -3.52 -21.41 13.34
C GLU C 109 -5.04 -21.34 13.43
N VAL C 110 -5.63 -20.37 12.72
CA VAL C 110 -7.08 -20.18 12.71
C VAL C 110 -7.60 -20.64 11.36
N VAL C 111 -8.49 -21.62 11.37
CA VAL C 111 -9.18 -22.10 10.18
C VAL C 111 -10.60 -21.58 10.24
N VAL C 112 -11.04 -20.94 9.16
CA VAL C 112 -12.39 -20.38 9.09
C VAL C 112 -13.25 -21.33 8.26
N LYS C 113 -14.33 -21.82 8.86
CA LYS C 113 -15.16 -22.84 8.23
C LYS C 113 -16.26 -22.13 7.44
N GLY C 114 -16.10 -22.12 6.11
CA GLY C 114 -17.14 -21.67 5.22
C GLY C 114 -18.00 -22.80 4.72
N ASP C 115 -18.67 -22.57 3.59
CA ASP C 115 -19.53 -23.59 3.00
C ASP C 115 -18.71 -24.79 2.53
N PRO C 116 -19.24 -25.99 2.65
CA PRO C 116 -18.55 -27.15 2.06
C PRO C 116 -18.64 -27.10 0.54
N VAL C 117 -17.52 -27.36 -0.12
CA VAL C 117 -17.42 -27.32 -1.57
C VAL C 117 -16.58 -28.49 -2.04
N ALA C 118 -17.10 -29.28 -2.99
CA ALA C 118 -16.35 -30.39 -3.53
C ALA C 118 -15.34 -29.89 -4.56
N PRO C 119 -14.16 -30.48 -4.62
CA PRO C 119 -13.14 -30.01 -5.55
C PRO C 119 -13.48 -30.40 -6.97
N THR C 120 -12.93 -29.64 -7.90
CA THR C 120 -12.76 -30.14 -9.25
C THR C 120 -11.29 -30.46 -9.41
N VAL C 121 -10.99 -31.50 -10.18
CA VAL C 121 -9.66 -32.10 -10.20
C VAL C 121 -9.13 -32.07 -11.63
N LEU C 122 -7.86 -31.70 -11.76
CA LEU C 122 -7.15 -31.66 -13.04
C LEU C 122 -5.89 -32.50 -12.91
N ILE C 123 -5.53 -33.21 -13.96
CA ILE C 123 -4.31 -34.01 -13.99
C ILE C 123 -3.47 -33.56 -15.18
N PHE C 124 -2.16 -33.49 -14.98
CA PHE C 124 -1.25 -32.96 -15.99
C PHE C 124 -0.16 -33.99 -16.29
N PRO C 125 -0.19 -34.64 -17.44
CA PRO C 125 0.89 -35.57 -17.80
C PRO C 125 2.21 -34.84 -17.88
N PRO C 126 3.33 -35.54 -17.73
CA PRO C 126 4.62 -34.88 -17.78
C PRO C 126 4.88 -34.32 -19.17
N ALA C 127 5.40 -33.08 -19.22
CA ALA C 127 5.77 -32.49 -20.49
C ALA C 127 6.70 -33.43 -21.25
N ALA C 128 6.65 -33.33 -22.58
CA ALA C 128 7.39 -34.28 -23.41
C ALA C 128 8.87 -34.30 -23.08
N ASP C 129 9.43 -33.17 -22.62
CA ASP C 129 10.85 -33.11 -22.35
C ASP C 129 11.25 -33.66 -20.97
N GLN C 130 10.27 -34.02 -20.13
CA GLN C 130 10.63 -34.59 -18.82
C GLN C 130 11.25 -35.97 -18.97
N VAL C 131 10.66 -36.84 -19.81
CA VAL C 131 11.02 -38.26 -19.78
C VAL C 131 12.50 -38.48 -20.09
N ALA C 132 13.09 -37.68 -20.98
CA ALA C 132 14.50 -37.88 -21.31
C ALA C 132 15.44 -37.60 -20.15
N THR C 133 14.97 -36.92 -19.10
CA THR C 133 15.82 -36.64 -17.95
C THR C 133 15.98 -37.84 -17.02
N GLY C 134 15.18 -38.89 -17.20
CA GLY C 134 15.25 -40.07 -16.36
C GLY C 134 14.21 -40.14 -15.27
N THR C 135 13.54 -39.03 -14.97
CA THR C 135 12.42 -39.03 -14.04
C THR C 135 11.30 -38.18 -14.60
N VAL C 136 10.08 -38.51 -14.22
CA VAL C 136 8.93 -37.70 -14.59
C VAL C 136 8.15 -37.34 -13.34
N THR C 137 7.58 -36.13 -13.34
CA THR C 137 6.72 -35.68 -12.27
C THR C 137 5.36 -35.37 -12.86
N ILE C 138 4.33 -36.08 -12.38
CA ILE C 138 2.94 -35.88 -12.80
C ILE C 138 2.29 -34.98 -11.76
N VAL C 139 1.47 -34.03 -12.20
CA VAL C 139 0.85 -33.06 -11.31
C VAL C 139 -0.67 -33.24 -11.32
N CYS C 140 -1.26 -33.26 -10.15
CA CYS C 140 -2.70 -33.26 -9.97
C CYS C 140 -3.09 -32.05 -9.13
N VAL C 141 -4.14 -31.35 -9.52
CA VAL C 141 -4.60 -30.17 -8.78
C VAL C 141 -6.06 -30.37 -8.38
N ALA C 142 -6.34 -30.17 -7.10
CA ALA C 142 -7.71 -30.13 -6.60
C ALA C 142 -8.05 -28.66 -6.36
N ASN C 143 -9.05 -28.16 -7.07
CA ASN C 143 -9.36 -26.74 -7.06
C ASN C 143 -10.57 -26.44 -6.19
N LYS C 144 -10.47 -25.38 -5.39
CA LYS C 144 -11.61 -24.70 -4.79
C LYS C 144 -12.48 -25.67 -3.97
N TYR C 145 -11.95 -26.07 -2.81
CA TYR C 145 -12.65 -27.06 -2.01
C TYR C 145 -12.61 -26.72 -0.53
N PHE C 146 -13.58 -27.23 0.21
CA PHE C 146 -13.58 -27.19 1.67
C PHE C 146 -14.55 -28.26 2.13
N PRO C 147 -14.23 -29.06 3.17
CA PRO C 147 -13.02 -29.08 3.99
C PRO C 147 -11.89 -29.87 3.33
N ASP C 148 -10.87 -30.23 4.11
CA ASP C 148 -9.66 -30.85 3.57
C ASP C 148 -9.99 -32.16 2.86
N VAL C 149 -9.13 -32.49 1.91
CA VAL C 149 -9.29 -33.68 1.10
C VAL C 149 -8.13 -34.63 1.38
N THR C 150 -8.30 -35.87 0.94
CA THR C 150 -7.23 -36.86 0.92
C THR C 150 -6.97 -37.22 -0.53
N VAL C 151 -5.69 -37.26 -0.91
CA VAL C 151 -5.27 -37.55 -2.27
C VAL C 151 -4.68 -38.94 -2.32
N THR C 152 -5.12 -39.74 -3.29
CA THR C 152 -4.57 -41.04 -3.60
C THR C 152 -4.12 -41.04 -5.06
N TRP C 153 -2.96 -41.62 -5.32
CA TRP C 153 -2.47 -41.81 -6.67
C TRP C 153 -2.53 -43.29 -7.02
N GLU C 154 -2.95 -43.58 -8.25
CA GLU C 154 -2.94 -44.95 -8.74
C GLU C 154 -2.21 -45.01 -10.07
N VAL C 155 -1.40 -46.06 -10.24
CA VAL C 155 -0.74 -46.37 -11.50
C VAL C 155 -1.25 -47.73 -11.92
N ASP C 156 -1.96 -47.78 -13.06
CA ASP C 156 -2.66 -48.99 -13.46
C ASP C 156 -3.49 -49.57 -12.32
N GLY C 157 -4.18 -48.67 -11.60
CA GLY C 157 -5.08 -49.07 -10.53
C GLY C 157 -4.42 -49.42 -9.21
N THR C 158 -3.09 -49.44 -9.13
CA THR C 158 -2.39 -49.73 -7.89
C THR C 158 -2.03 -48.45 -7.15
N THR C 159 -2.41 -48.40 -5.87
CA THR C 159 -2.17 -47.21 -5.05
C THR C 159 -0.67 -47.02 -4.82
N GLN C 160 -0.20 -45.80 -5.05
CA GLN C 160 1.20 -45.46 -4.85
C GLN C 160 1.43 -45.05 -3.40
N THR C 161 2.57 -45.47 -2.86
CA THR C 161 2.87 -45.21 -1.45
C THR C 161 4.15 -44.42 -1.26
N THR C 162 4.80 -43.99 -2.33
CA THR C 162 6.04 -43.23 -2.24
C THR C 162 6.11 -42.30 -3.44
N GLY C 163 7.02 -41.32 -3.36
CA GLY C 163 7.20 -40.38 -4.43
C GLY C 163 6.15 -39.31 -4.56
N ILE C 164 5.37 -39.05 -3.50
CA ILE C 164 4.25 -38.13 -3.55
C ILE C 164 4.49 -36.97 -2.60
N GLU C 165 4.25 -35.75 -3.08
CA GLU C 165 4.27 -34.56 -2.25
C GLU C 165 3.00 -33.76 -2.49
N ASN C 166 2.50 -33.13 -1.43
CA ASN C 166 1.27 -32.37 -1.47
C ASN C 166 1.51 -30.97 -0.92
N SER C 167 0.86 -29.99 -1.54
CA SER C 167 1.02 -28.59 -1.18
C SER C 167 -0.33 -27.91 -1.29
N LYS C 168 -0.71 -27.17 -0.25
CA LYS C 168 -2.05 -26.58 -0.14
C LYS C 168 -1.92 -25.06 -0.05
N THR C 169 -2.76 -24.34 -0.79
CA THR C 169 -2.77 -22.88 -0.72
C THR C 169 -3.45 -22.43 0.58
N PRO C 170 -3.23 -21.18 0.98
CA PRO C 170 -4.02 -20.62 2.08
C PRO C 170 -5.48 -20.57 1.70
N GLN C 171 -6.33 -20.48 2.72
CA GLN C 171 -7.77 -20.34 2.49
C GLN C 171 -8.06 -19.07 1.70
N ASN C 172 -8.96 -19.19 0.72
CA ASN C 172 -9.37 -18.06 -0.08
C ASN C 172 -10.05 -17.01 0.78
N SER C 173 -9.71 -15.73 0.54
CA SER C 173 -10.21 -14.67 1.40
C SER C 173 -11.69 -14.38 1.19
N ALA C 174 -12.28 -14.80 0.07
CA ALA C 174 -13.69 -14.57 -0.18
C ALA C 174 -14.58 -15.75 0.18
N ASP C 175 -14.12 -16.99 -0.01
CA ASP C 175 -14.99 -18.14 0.18
C ASP C 175 -14.40 -19.26 1.03
N CYS C 176 -13.23 -19.04 1.63
CA CYS C 176 -12.60 -19.94 2.59
C CYS C 176 -12.03 -21.22 1.95
N THR C 177 -12.11 -21.38 0.63
CA THR C 177 -11.70 -22.64 0.02
C THR C 177 -10.19 -22.75 -0.12
N TYR C 178 -9.73 -23.99 -0.19
CA TYR C 178 -8.35 -24.35 -0.45
C TYR C 178 -8.19 -24.75 -1.92
N ASN C 179 -6.94 -24.80 -2.35
CA ASN C 179 -6.52 -25.50 -3.54
C ASN C 179 -5.32 -26.35 -3.17
N LEU C 180 -5.14 -27.45 -3.89
CA LEU C 180 -4.06 -28.36 -3.54
C LEU C 180 -3.38 -28.85 -4.80
N SER C 181 -2.06 -28.96 -4.73
CA SER C 181 -1.25 -29.55 -5.79
CA SER C 181 -1.25 -29.55 -5.79
C SER C 181 -0.57 -30.79 -5.25
N SER C 182 -0.74 -31.91 -5.95
CA SER C 182 -0.11 -33.17 -5.58
C SER C 182 0.78 -33.61 -6.72
N THR C 183 2.00 -34.03 -6.40
CA THR C 183 2.93 -34.50 -7.41
C THR C 183 3.32 -35.95 -7.14
N LEU C 184 3.38 -36.73 -8.20
CA LEU C 184 3.88 -38.10 -8.17
C LEU C 184 5.10 -38.16 -9.07
N THR C 185 6.22 -38.61 -8.53
CA THR C 185 7.47 -38.70 -9.27
C THR C 185 7.85 -40.16 -9.44
N LEU C 186 8.18 -40.54 -10.68
CA LEU C 186 8.57 -41.90 -11.02
C LEU C 186 9.81 -41.82 -11.92
N THR C 187 10.53 -42.93 -12.01
CA THR C 187 11.57 -42.99 -13.04
C THR C 187 10.92 -43.07 -14.41
N SER C 188 11.68 -42.70 -15.43
CA SER C 188 11.18 -42.79 -16.80
C SER C 188 10.82 -44.22 -17.16
N THR C 189 11.61 -45.19 -16.69
CA THR C 189 11.31 -46.60 -16.94
C THR C 189 9.96 -46.99 -16.34
N GLN C 190 9.71 -46.57 -15.09
CA GLN C 190 8.41 -46.84 -14.48
C GLN C 190 7.29 -46.19 -15.30
N TYR C 191 7.47 -44.93 -15.68
CA TYR C 191 6.42 -44.23 -16.39
C TYR C 191 6.10 -44.92 -17.70
N ASN C 192 7.13 -45.30 -18.46
CA ASN C 192 6.93 -45.93 -19.75
C ASN C 192 6.46 -47.37 -19.63
N SER C 193 6.44 -47.96 -18.43
CA SER C 193 6.04 -49.34 -18.22
C SER C 193 4.57 -49.48 -17.82
N HIS C 194 3.83 -48.38 -17.71
CA HIS C 194 2.44 -48.42 -17.28
C HIS C 194 1.62 -47.50 -18.16
N LYS C 195 0.29 -47.67 -18.10
CA LYS C 195 -0.63 -47.01 -19.02
C LYS C 195 -1.43 -45.90 -18.37
N GLU C 196 -2.11 -46.19 -17.26
CA GLU C 196 -3.12 -45.30 -16.72
C GLU C 196 -2.62 -44.67 -15.43
N TYR C 197 -2.73 -43.36 -15.35
CA TYR C 197 -2.30 -42.58 -14.20
C TYR C 197 -3.50 -41.84 -13.64
N THR C 198 -3.75 -42.01 -12.34
CA THR C 198 -5.01 -41.59 -11.73
C THR C 198 -4.74 -40.80 -10.46
N CYS C 199 -5.42 -39.68 -10.32
CA CYS C 199 -5.44 -38.88 -9.10
C CYS C 199 -6.86 -38.98 -8.53
N LYS C 200 -6.99 -39.49 -7.31
CA LYS C 200 -8.27 -39.64 -6.65
C LYS C 200 -8.31 -38.72 -5.43
N VAL C 201 -9.30 -37.84 -5.38
CA VAL C 201 -9.40 -36.81 -4.34
C VAL C 201 -10.68 -37.08 -3.55
N THR C 202 -10.52 -37.36 -2.26
CA THR C 202 -11.62 -37.84 -1.44
C THR C 202 -11.94 -36.82 -0.36
N GLN C 203 -13.23 -36.56 -0.17
CA GLN C 203 -13.73 -35.62 0.82
C GLN C 203 -14.90 -36.34 1.48
N GLY C 204 -14.62 -37.08 2.55
CA GLY C 204 -15.69 -37.84 3.19
C GLY C 204 -16.29 -38.86 2.25
N THR C 205 -17.59 -38.75 2.02
CA THR C 205 -18.33 -39.66 1.16
C THR C 205 -18.32 -39.26 -0.31
N THR C 206 -17.50 -38.27 -0.68
CA THR C 206 -17.39 -37.78 -2.04
C THR C 206 -16.00 -38.09 -2.57
N SER C 207 -15.91 -38.54 -3.81
CA SER C 207 -14.63 -38.72 -4.47
C SER C 207 -14.70 -38.14 -5.88
N VAL C 208 -13.65 -37.44 -6.28
CA VAL C 208 -13.52 -36.90 -7.62
C VAL C 208 -12.23 -37.47 -8.17
N VAL C 209 -12.32 -38.13 -9.33
CA VAL C 209 -11.22 -38.90 -9.89
C VAL C 209 -10.91 -38.38 -11.28
N GLN C 210 -9.63 -38.23 -11.57
CA GLN C 210 -9.19 -37.80 -12.89
C GLN C 210 -8.01 -38.65 -13.31
N SER C 211 -8.05 -39.19 -14.52
CA SER C 211 -7.01 -40.06 -15.03
C SER C 211 -6.55 -39.58 -16.40
N PHE C 212 -5.41 -40.09 -16.83
CA PHE C 212 -5.04 -40.04 -18.24
C PHE C 212 -4.37 -41.35 -18.60
N ASN C 213 -4.39 -41.64 -19.90
CA ASN C 213 -3.71 -42.79 -20.46
C ASN C 213 -2.47 -42.29 -21.18
N ARG C 214 -1.31 -42.80 -20.77
CA ARG C 214 -0.04 -42.29 -21.30
C ARG C 214 -0.01 -42.33 -22.83
N GLY C 215 -0.50 -43.42 -23.42
CA GLY C 215 -0.49 -43.55 -24.86
C GLY C 215 -1.34 -42.55 -25.61
N ASP C 216 -2.22 -41.83 -24.90
CA ASP C 216 -3.11 -40.85 -25.51
C ASP C 216 -2.60 -39.43 -25.37
N CYS C 217 -1.48 -39.22 -24.69
CA CYS C 217 -0.94 -37.88 -24.52
C CYS C 217 0.40 -37.74 -25.23
N VAL D 2 -8.11 15.87 -30.33
CA VAL D 2 -9.35 15.48 -29.66
C VAL D 2 -9.55 16.24 -28.35
N VAL D 3 -10.76 16.76 -28.13
CA VAL D 3 -11.14 17.45 -26.91
C VAL D 3 -12.29 16.69 -26.26
N MET D 4 -12.17 16.42 -24.96
CA MET D 4 -13.20 15.72 -24.20
C MET D 4 -13.98 16.73 -23.37
N THR D 5 -15.30 16.79 -23.58
CA THR D 5 -16.17 17.69 -22.84
C THR D 5 -16.87 16.86 -21.77
N GLN D 6 -16.52 17.10 -20.52
CA GLN D 6 -17.00 16.29 -19.39
C GLN D 6 -18.02 17.11 -18.61
N THR D 7 -19.18 16.50 -18.34
CA THR D 7 -20.27 17.15 -17.62
C THR D 7 -20.88 16.16 -16.65
N PRO D 8 -21.46 16.65 -15.54
CA PRO D 8 -21.45 18.04 -15.08
C PRO D 8 -20.12 18.36 -14.41
N ALA D 9 -19.82 19.64 -14.14
CA ALA D 9 -18.61 19.98 -13.41
C ALA D 9 -18.69 19.52 -11.95
N SER D 10 -19.89 19.48 -11.39
CA SER D 10 -20.10 19.01 -10.03
C SER D 10 -21.46 18.34 -9.96
N VAL D 11 -21.56 17.30 -9.13
CA VAL D 11 -22.80 16.55 -8.99
C VAL D 11 -22.90 16.04 -7.56
N GLU D 12 -24.14 15.93 -7.07
CA GLU D 12 -24.43 15.59 -5.69
C GLU D 12 -25.51 14.50 -5.68
N ALA D 13 -25.38 13.55 -4.76
CA ALA D 13 -26.45 12.58 -4.54
C ALA D 13 -26.32 12.02 -3.14
N ALA D 14 -27.43 11.53 -2.62
CA ALA D 14 -27.45 10.98 -1.28
C ALA D 14 -26.62 9.69 -1.21
N VAL D 15 -26.15 9.38 0.00
CA VAL D 15 -25.64 8.04 0.28
C VAL D 15 -26.66 7.02 -0.19
N GLY D 16 -26.17 5.98 -0.88
CA GLY D 16 -27.02 4.98 -1.48
C GLY D 16 -27.54 5.33 -2.86
N GLY D 17 -27.32 6.57 -3.31
CA GLY D 17 -27.83 7.03 -4.58
C GLY D 17 -26.90 6.75 -5.75
N THR D 18 -27.14 7.48 -6.84
CA THR D 18 -26.46 7.23 -8.10
C THR D 18 -26.09 8.56 -8.71
N VAL D 19 -24.84 8.68 -9.18
CA VAL D 19 -24.42 9.83 -9.98
C VAL D 19 -23.97 9.34 -11.33
N THR D 20 -24.12 10.20 -12.34
CA THR D 20 -23.79 9.87 -13.71
C THR D 20 -22.96 10.99 -14.30
N ILE D 21 -21.85 10.61 -14.94
CA ILE D 21 -20.90 11.53 -15.54
C ILE D 21 -20.79 11.19 -17.02
N LYS D 22 -20.78 12.22 -17.86
CA LYS D 22 -20.78 12.04 -19.31
CA LYS D 22 -20.77 12.05 -19.31
C LYS D 22 -19.55 12.74 -19.91
N CYS D 23 -18.97 12.10 -20.92
CA CYS D 23 -17.86 12.69 -21.65
C CYS D 23 -18.12 12.58 -23.14
N GLN D 24 -18.03 13.72 -23.83
CA GLN D 24 -18.27 13.80 -25.26
C GLN D 24 -16.96 14.12 -25.96
N ALA D 25 -16.64 13.37 -27.01
CA ALA D 25 -15.43 13.58 -27.77
C ALA D 25 -15.72 14.46 -28.99
N SER D 26 -14.78 15.34 -29.33
CA SER D 26 -14.95 16.21 -30.47
C SER D 26 -14.86 15.48 -31.81
N GLN D 27 -14.45 14.22 -31.81
CA GLN D 27 -14.47 13.39 -33.00
C GLN D 27 -14.56 11.94 -32.56
N SER D 28 -14.97 11.08 -33.50
CA SER D 28 -15.13 9.65 -33.18
C SER D 28 -13.81 9.08 -32.67
N ILE D 29 -13.89 8.33 -31.56
CA ILE D 29 -12.73 7.75 -30.90
C ILE D 29 -13.00 6.27 -30.65
N SER D 30 -11.93 5.54 -30.35
CA SER D 30 -12.04 4.12 -30.07
C SER D 30 -12.44 3.88 -28.61
N ASN D 31 -12.63 2.62 -28.28
CA ASN D 31 -13.04 2.22 -26.94
C ASN D 31 -11.88 2.03 -25.98
N TYR D 32 -10.67 2.47 -26.35
CA TYR D 32 -9.58 2.57 -25.38
C TYR D 32 -9.80 3.82 -24.53
N PHE D 33 -10.79 3.70 -23.64
CA PHE D 33 -11.34 4.83 -22.90
C PHE D 33 -11.31 4.48 -21.43
N SER D 34 -10.98 5.45 -20.57
CA SER D 34 -10.75 5.13 -19.18
C SER D 34 -11.32 6.20 -18.27
N TRP D 35 -11.47 5.82 -16.99
CA TRP D 35 -12.01 6.69 -15.95
C TRP D 35 -11.12 6.60 -14.71
N TYR D 36 -10.95 7.74 -14.06
CA TYR D 36 -10.06 7.88 -12.92
C TYR D 36 -10.80 8.55 -11.77
N GLN D 37 -10.41 8.18 -10.55
CA GLN D 37 -10.89 8.80 -9.33
C GLN D 37 -9.70 9.49 -8.67
N GLN D 38 -9.86 10.74 -8.27
CA GLN D 38 -8.76 11.46 -7.61
C GLN D 38 -9.25 12.13 -6.35
N LYS D 39 -8.58 11.84 -5.24
CA LYS D 39 -8.88 12.53 -4.00
C LYS D 39 -7.80 13.57 -3.72
N PRO D 40 -8.12 14.64 -3.00
CA PRO D 40 -7.16 15.74 -2.83
C PRO D 40 -5.85 15.26 -2.23
N GLY D 41 -4.75 15.73 -2.81
CA GLY D 41 -3.42 15.38 -2.36
C GLY D 41 -2.88 14.07 -2.90
N GLN D 42 -3.66 13.31 -3.63
CA GLN D 42 -3.26 12.01 -4.13
C GLN D 42 -3.19 12.02 -5.66
N PRO D 43 -2.45 11.10 -6.26
CA PRO D 43 -2.54 10.94 -7.71
C PRO D 43 -3.86 10.29 -8.08
N PRO D 44 -4.26 10.38 -9.33
CA PRO D 44 -5.47 9.70 -9.78
C PRO D 44 -5.32 8.19 -9.64
N LYS D 45 -6.46 7.52 -9.47
CA LYS D 45 -6.55 6.07 -9.41
C LYS D 45 -7.38 5.59 -10.59
N LEU D 46 -6.84 4.63 -11.35
CA LEU D 46 -7.57 4.07 -12.49
C LEU D 46 -8.75 3.24 -12.00
N LEU D 47 -9.96 3.55 -12.48
CA LEU D 47 -11.15 2.78 -12.15
C LEU D 47 -11.54 1.79 -13.24
N ILE D 48 -11.50 2.24 -14.50
CA ILE D 48 -12.04 1.51 -15.64
C ILE D 48 -11.11 1.77 -16.82
N TYR D 49 -10.84 0.73 -17.61
CA TYR D 49 -10.13 0.87 -18.88
C TYR D 49 -10.88 0.09 -19.95
N LYS D 50 -10.51 0.32 -21.21
CA LYS D 50 -11.23 -0.29 -22.34
C LYS D 50 -12.74 -0.03 -22.23
N ALA D 51 -13.09 1.19 -21.80
CA ALA D 51 -14.47 1.70 -21.70
C ALA D 51 -15.26 1.10 -20.55
N SER D 52 -15.11 -0.20 -20.29
CA SER D 52 -16.00 -0.84 -19.34
C SER D 52 -15.34 -1.89 -18.44
N THR D 53 -14.05 -2.12 -18.58
CA THR D 53 -13.39 -3.14 -17.74
C THR D 53 -12.94 -2.54 -16.43
N LEU D 54 -13.33 -3.18 -15.32
CA LEU D 54 -12.96 -2.69 -14.00
C LEU D 54 -11.49 -2.99 -13.72
N ALA D 55 -10.80 -2.00 -13.17
CA ALA D 55 -9.47 -2.24 -12.64
C ALA D 55 -9.55 -3.14 -11.42
N SER D 56 -8.41 -3.75 -11.10
CA SER D 56 -8.34 -4.69 -9.99
C SER D 56 -8.88 -4.06 -8.71
N GLY D 57 -9.81 -4.76 -8.06
CA GLY D 57 -10.36 -4.33 -6.79
C GLY D 57 -11.46 -3.28 -6.86
N VAL D 58 -11.81 -2.78 -8.04
CA VAL D 58 -12.86 -1.78 -8.16
C VAL D 58 -14.22 -2.47 -8.21
N PRO D 59 -15.17 -2.11 -7.34
CA PRO D 59 -16.47 -2.80 -7.33
C PRO D 59 -17.32 -2.41 -8.53
N SER D 60 -18.24 -3.32 -8.88
CA SER D 60 -19.03 -3.18 -10.09
C SER D 60 -20.08 -2.09 -10.00
N ARG D 61 -20.25 -1.44 -8.84
CA ARG D 61 -21.10 -0.27 -8.78
C ARG D 61 -20.48 0.95 -9.47
N PHE D 62 -19.22 0.86 -9.89
CA PHE D 62 -18.68 1.77 -10.88
C PHE D 62 -18.88 1.12 -12.25
N LYS D 63 -19.69 1.75 -13.10
CA LYS D 63 -20.01 1.17 -14.40
C LYS D 63 -19.64 2.12 -15.52
N GLY D 64 -18.68 1.73 -16.34
CA GLY D 64 -18.34 2.49 -17.53
C GLY D 64 -19.10 1.95 -18.74
N SER D 65 -19.54 2.86 -19.60
CA SER D 65 -20.29 2.46 -20.78
C SER D 65 -20.08 3.49 -21.90
N GLY D 66 -20.69 3.24 -23.05
CA GLY D 66 -20.61 4.13 -24.18
C GLY D 66 -19.63 3.65 -25.25
N SER D 67 -19.56 4.45 -26.31
CA SER D 67 -18.76 4.19 -27.50
C SER D 67 -18.90 5.40 -28.42
N GLY D 68 -18.10 5.40 -29.48
CA GLY D 68 -18.21 6.42 -30.52
C GLY D 68 -17.71 7.79 -30.10
N THR D 69 -18.64 8.70 -29.78
CA THR D 69 -18.28 10.03 -29.32
C THR D 69 -18.81 10.32 -27.92
N GLU D 70 -19.36 9.33 -27.22
CA GLU D 70 -20.00 9.61 -25.95
C GLU D 70 -19.87 8.43 -25.00
N PHE D 71 -19.25 8.68 -23.85
CA PHE D 71 -19.00 7.67 -22.83
C PHE D 71 -19.56 8.13 -21.49
N THR D 72 -19.88 7.17 -20.63
CA THR D 72 -20.60 7.44 -19.40
C THR D 72 -20.01 6.63 -18.26
N LEU D 73 -19.92 7.25 -17.09
CA LEU D 73 -19.61 6.58 -15.84
C LEU D 73 -20.83 6.70 -14.93
N THR D 74 -21.32 5.57 -14.45
CA THR D 74 -22.43 5.54 -13.51
C THR D 74 -21.90 4.98 -12.19
N ILE D 75 -22.03 5.74 -11.12
CA ILE D 75 -21.63 5.29 -9.79
C ILE D 75 -22.90 5.11 -8.98
N SER D 76 -23.22 3.86 -8.63
CA SER D 76 -24.42 3.58 -7.84
C SER D 76 -24.02 3.15 -6.43
N ASP D 77 -25.04 2.95 -5.59
CA ASP D 77 -24.84 2.65 -4.17
C ASP D 77 -23.78 3.55 -3.54
N LEU D 78 -23.95 4.86 -3.77
CA LEU D 78 -22.92 5.84 -3.45
C LEU D 78 -22.54 5.79 -1.96
N GLU D 79 -21.25 5.89 -1.70
CA GLU D 79 -20.71 5.88 -0.34
C GLU D 79 -19.95 7.17 -0.09
N CYS D 80 -19.82 7.55 1.17
CA CYS D 80 -19.01 8.71 1.52
C CYS D 80 -17.59 8.58 0.98
N ALA D 81 -17.05 7.36 0.94
CA ALA D 81 -15.70 7.17 0.41
C ALA D 81 -15.59 7.45 -1.08
N ASP D 82 -16.72 7.58 -1.80
CA ASP D 82 -16.68 7.89 -3.22
C ASP D 82 -16.51 9.39 -3.49
N ALA D 83 -16.54 10.24 -2.46
CA ALA D 83 -16.31 11.66 -2.65
C ALA D 83 -14.92 11.88 -3.25
N ALA D 84 -14.89 12.52 -4.42
CA ALA D 84 -13.64 12.66 -5.16
C ALA D 84 -13.92 13.45 -6.42
N THR D 85 -12.87 13.76 -7.17
CA THR D 85 -13.01 14.28 -8.52
C THR D 85 -12.70 13.15 -9.50
N TYR D 86 -13.57 12.97 -10.49
CA TYR D 86 -13.45 11.90 -11.47
C TYR D 86 -13.12 12.50 -12.83
N TYR D 87 -12.27 11.79 -13.61
CA TYR D 87 -11.85 12.23 -14.92
C TYR D 87 -12.05 11.11 -15.93
N CYS D 88 -12.52 11.46 -17.12
CA CYS D 88 -12.47 10.52 -18.24
C CYS D 88 -11.19 10.75 -19.03
N GLN D 89 -10.83 9.75 -19.84
CA GLN D 89 -9.63 9.85 -20.65
C GLN D 89 -9.79 9.04 -21.93
N SER D 90 -9.54 9.69 -23.07
CA SER D 90 -9.54 9.04 -24.38
C SER D 90 -8.11 8.78 -24.84
N PHE D 91 -7.90 7.64 -25.47
CA PHE D 91 -6.73 7.45 -26.32
C PHE D 91 -7.19 7.54 -27.76
N TYR D 92 -6.46 8.30 -28.57
CA TYR D 92 -6.86 8.50 -29.96
C TYR D 92 -5.61 8.53 -30.83
N GLY D 93 -5.78 8.19 -32.09
CA GLY D 93 -4.63 8.14 -32.98
C GLY D 93 -5.07 7.86 -34.40
N SER D 94 -4.07 7.69 -35.25
CA SER D 94 -4.28 7.53 -36.68
C SER D 94 -3.28 6.53 -37.19
N VAL D 95 -3.74 5.60 -38.04
CA VAL D 95 -2.82 4.65 -38.67
C VAL D 95 -2.11 5.24 -39.86
N THR D 96 -2.46 6.46 -40.27
CA THR D 96 -1.91 7.07 -41.46
C THR D 96 -1.03 8.28 -41.19
N SER D 97 -0.96 8.76 -39.96
CA SER D 97 -0.18 9.94 -39.64
C SER D 97 0.39 9.81 -38.24
N ASP D 98 1.26 10.75 -37.90
CA ASP D 98 1.95 10.76 -36.61
C ASP D 98 1.21 11.64 -35.62
N TYR D 99 -0.10 11.39 -35.50
CA TYR D 99 -1.03 12.20 -34.74
C TYR D 99 -1.73 11.32 -33.70
N GLY D 100 -1.83 11.80 -32.47
CA GLY D 100 -2.62 11.09 -31.48
C GLY D 100 -2.05 11.27 -30.09
N GLY D 101 -2.71 10.62 -29.13
CA GLY D 101 -2.26 10.70 -27.75
C GLY D 101 -3.43 10.52 -26.79
N PHE D 102 -3.37 11.26 -25.68
CA PHE D 102 -4.31 11.10 -24.59
C PHE D 102 -4.97 12.44 -24.29
N ALA D 103 -6.29 12.41 -24.12
CA ALA D 103 -7.06 13.61 -23.82
C ALA D 103 -7.92 13.33 -22.60
N PHE D 104 -7.87 14.24 -21.63
CA PHE D 104 -8.65 14.11 -20.40
C PHE D 104 -9.85 15.05 -20.43
N GLY D 105 -10.96 14.60 -19.88
CA GLY D 105 -12.04 15.51 -19.58
C GLY D 105 -11.65 16.44 -18.44
N GLY D 106 -12.47 17.49 -18.26
CA GLY D 106 -12.17 18.53 -17.30
C GLY D 106 -12.36 18.16 -15.84
N GLY D 107 -13.00 17.01 -15.58
CA GLY D 107 -13.22 16.52 -14.24
C GLY D 107 -14.62 16.83 -13.73
N THR D 108 -15.08 16.01 -12.79
CA THR D 108 -16.36 16.19 -12.13
C THR D 108 -16.17 16.00 -10.64
N GLU D 109 -16.54 16.99 -9.84
CA GLU D 109 -16.54 16.85 -8.39
C GLU D 109 -17.80 16.11 -7.97
N VAL D 110 -17.63 14.98 -7.27
CA VAL D 110 -18.76 14.23 -6.73
C VAL D 110 -18.88 14.52 -5.24
N VAL D 111 -20.02 15.09 -4.86
CA VAL D 111 -20.36 15.36 -3.47
C VAL D 111 -21.36 14.31 -3.00
N VAL D 112 -21.06 13.65 -1.89
CA VAL D 112 -21.93 12.62 -1.36
C VAL D 112 -22.70 13.22 -0.19
N LYS D 113 -24.03 13.23 -0.29
CA LYS D 113 -24.88 13.85 0.73
C LYS D 113 -25.15 12.85 1.84
N GLY D 114 -24.39 12.96 2.93
CA GLY D 114 -24.67 12.19 4.13
C GLY D 114 -25.67 12.90 5.01
N ASP D 115 -25.76 12.45 6.26
CA ASP D 115 -26.64 13.08 7.23
C ASP D 115 -26.19 14.52 7.48
N PRO D 116 -27.11 15.47 7.55
CA PRO D 116 -26.73 16.83 7.95
C PRO D 116 -26.19 16.85 9.37
N VAL D 117 -25.15 17.66 9.58
CA VAL D 117 -24.52 17.84 10.88
C VAL D 117 -24.15 19.32 11.01
N ALA D 118 -24.59 19.94 12.09
CA ALA D 118 -24.25 21.34 12.32
C ALA D 118 -22.79 21.45 12.76
N PRO D 119 -22.08 22.49 12.34
CA PRO D 119 -20.68 22.63 12.75
C PRO D 119 -20.58 23.04 14.20
N THR D 120 -19.48 22.65 14.82
CA THR D 120 -19.01 23.37 16.00
C THR D 120 -17.89 24.28 15.54
N VAL D 121 -17.69 25.37 16.28
CA VAL D 121 -16.83 26.44 15.81
C VAL D 121 -15.82 26.79 16.89
N LEU D 122 -14.56 26.97 16.48
CA LEU D 122 -13.47 27.39 17.34
C LEU D 122 -12.88 28.67 16.78
N ILE D 123 -12.50 29.60 17.65
CA ILE D 123 -11.81 30.81 17.23
C ILE D 123 -10.46 30.87 17.94
N PHE D 124 -9.43 31.29 17.21
CA PHE D 124 -8.07 31.30 17.74
C PHE D 124 -7.49 32.70 17.66
N PRO D 125 -7.32 33.40 18.78
CA PRO D 125 -6.68 34.71 18.75
C PRO D 125 -5.24 34.59 18.28
N PRO D 126 -4.67 35.67 17.74
CA PRO D 126 -3.30 35.60 17.24
C PRO D 126 -2.33 35.33 18.37
N ALA D 127 -1.36 34.46 18.10
CA ALA D 127 -0.30 34.21 19.06
C ALA D 127 0.41 35.50 19.41
N ALA D 128 0.94 35.56 20.63
CA ALA D 128 1.51 36.80 21.14
C ALA D 128 2.59 37.36 20.23
N ASP D 129 3.29 36.50 19.49
CA ASP D 129 4.41 36.96 18.66
C ASP D 129 4.00 37.37 17.25
N GLN D 130 2.72 37.30 16.91
CA GLN D 130 2.29 37.76 15.58
C GLN D 130 2.33 39.28 15.47
N VAL D 131 1.85 39.99 16.49
CA VAL D 131 1.60 41.43 16.31
C VAL D 131 2.88 42.20 15.98
N ALA D 132 4.02 41.77 16.52
CA ALA D 132 5.27 42.48 16.24
C ALA D 132 5.67 42.38 14.77
N THR D 133 5.12 41.43 14.02
CA THR D 133 5.46 41.28 12.61
C THR D 133 4.80 42.34 11.73
N GLY D 134 3.80 43.06 12.23
CA GLY D 134 3.08 44.03 11.44
C GLY D 134 1.74 43.56 10.92
N THR D 135 1.51 42.25 10.87
CA THR D 135 0.21 41.71 10.49
C THR D 135 -0.19 40.64 11.49
N VAL D 136 -1.49 40.49 11.69
CA VAL D 136 -2.03 39.43 12.53
C VAL D 136 -3.03 38.63 11.70
N THR D 137 -3.07 37.32 11.94
CA THR D 137 -3.99 36.41 11.27
C THR D 137 -4.79 35.70 12.35
N ILE D 138 -6.10 35.92 12.35
CA ILE D 138 -7.02 35.28 13.28
C ILE D 138 -7.61 34.07 12.56
N VAL D 139 -7.70 32.94 13.26
CA VAL D 139 -8.16 31.69 12.63
C VAL D 139 -9.48 31.27 13.26
N CYS D 140 -10.44 30.90 12.41
CA CYS D 140 -11.71 30.33 12.83
C CYS D 140 -11.87 28.98 12.14
N VAL D 141 -12.26 27.97 12.89
CA VAL D 141 -12.39 26.61 12.36
C VAL D 141 -13.83 26.15 12.57
N ALA D 142 -14.44 25.63 11.51
CA ALA D 142 -15.75 24.98 11.60
C ALA D 142 -15.51 23.48 11.45
N ASN D 143 -15.85 22.72 12.48
CA ASN D 143 -15.55 21.29 12.53
C ASN D 143 -16.74 20.45 12.14
N LYS D 144 -16.49 19.40 11.36
CA LYS D 144 -17.37 18.22 11.23
C LYS D 144 -18.80 18.62 10.88
N TYR D 145 -18.98 19.11 9.65
CA TYR D 145 -20.28 19.64 9.26
C TYR D 145 -20.67 19.18 7.87
N PHE D 146 -21.98 19.15 7.64
CA PHE D 146 -22.53 18.96 6.29
C PHE D 146 -23.97 19.43 6.33
N PRO D 147 -24.46 20.18 5.33
CA PRO D 147 -23.79 20.61 4.08
C PRO D 147 -22.91 21.84 4.26
N ASP D 148 -22.55 22.49 3.15
CA ASP D 148 -21.59 23.58 3.16
C ASP D 148 -22.07 24.73 4.04
N VAL D 149 -21.10 25.52 4.52
CA VAL D 149 -21.35 26.68 5.35
C VAL D 149 -20.83 27.92 4.64
N THR D 150 -21.26 29.08 5.13
CA THR D 150 -20.65 30.36 4.79
C THR D 150 -20.11 30.99 6.06
N VAL D 151 -18.99 31.71 5.93
CA VAL D 151 -18.33 32.35 7.06
C VAL D 151 -18.44 33.86 6.92
N THR D 152 -18.74 34.53 8.03
CA THR D 152 -18.75 35.98 8.12
C THR D 152 -17.88 36.39 9.30
N TRP D 153 -17.04 37.39 9.08
CA TRP D 153 -16.20 37.95 10.13
C TRP D 153 -16.70 39.34 10.48
N GLU D 154 -16.74 39.64 11.77
CA GLU D 154 -17.10 40.98 12.24
C GLU D 154 -16.02 41.49 13.17
N VAL D 155 -15.71 42.77 13.06
CA VAL D 155 -14.75 43.43 13.91
C VAL D 155 -15.47 44.63 14.50
N ASP D 156 -15.74 44.59 15.80
CA ASP D 156 -16.57 45.60 16.47
C ASP D 156 -17.90 45.78 15.75
N GLY D 157 -18.49 44.67 15.31
CA GLY D 157 -19.75 44.69 14.59
C GLY D 157 -19.65 45.03 13.12
N THR D 158 -18.48 45.42 12.62
CA THR D 158 -18.30 45.75 11.21
C THR D 158 -18.04 44.46 10.44
N THR D 159 -19.00 44.05 9.61
CA THR D 159 -18.79 42.90 8.75
C THR D 159 -17.61 43.16 7.83
N GLN D 160 -16.65 42.24 7.82
CA GLN D 160 -15.45 42.38 7.00
C GLN D 160 -15.73 41.87 5.60
N THR D 161 -15.16 42.56 4.61
CA THR D 161 -15.31 42.17 3.21
C THR D 161 -13.97 42.04 2.52
N THR D 162 -12.87 42.01 3.27
CA THR D 162 -11.53 41.89 2.70
C THR D 162 -10.61 41.21 3.71
N GLY D 163 -9.56 40.58 3.19
CA GLY D 163 -8.58 39.93 4.04
C GLY D 163 -8.97 38.58 4.58
N ILE D 164 -9.92 37.89 3.93
CA ILE D 164 -10.43 36.61 4.40
C ILE D 164 -10.04 35.52 3.41
N GLU D 165 -9.61 34.38 3.93
CA GLU D 165 -9.27 33.22 3.11
C GLU D 165 -9.85 31.99 3.76
N ASN D 166 -10.42 31.10 2.95
CA ASN D 166 -11.10 29.90 3.42
C ASN D 166 -10.50 28.67 2.77
N SER D 167 -10.42 27.57 3.53
CA SER D 167 -9.85 26.33 3.04
C SER D 167 -10.64 25.18 3.65
N LYS D 168 -11.06 24.23 2.81
CA LYS D 168 -11.98 23.17 3.20
C LYS D 168 -11.33 21.82 2.99
N THR D 169 -11.44 20.93 3.97
CA THR D 169 -10.96 19.58 3.81
C THR D 169 -11.88 18.80 2.86
N PRO D 170 -11.40 17.69 2.31
CA PRO D 170 -12.33 16.80 1.59
C PRO D 170 -13.33 16.19 2.56
N GLN D 171 -14.39 15.64 1.99
CA GLN D 171 -15.40 14.98 2.80
C GLN D 171 -14.81 13.77 3.51
N ASN D 172 -15.20 13.60 4.76
CA ASN D 172 -14.75 12.44 5.53
C ASN D 172 -15.29 11.16 4.92
N SER D 173 -14.43 10.14 4.85
CA SER D 173 -14.79 8.90 4.17
C SER D 173 -15.81 8.08 4.95
N ALA D 174 -15.98 8.37 6.24
CA ALA D 174 -16.95 7.65 7.06
C ALA D 174 -18.30 8.35 7.15
N ASP D 175 -18.31 9.67 7.39
CA ASP D 175 -19.55 10.37 7.67
C ASP D 175 -19.84 11.54 6.73
N CYS D 176 -19.01 11.74 5.69
CA CYS D 176 -19.23 12.71 4.64
C CYS D 176 -19.00 14.17 5.09
N THR D 177 -18.58 14.40 6.33
CA THR D 177 -18.51 15.78 6.81
C THR D 177 -17.26 16.49 6.31
N TYR D 178 -17.36 17.82 6.29
CA TYR D 178 -16.26 18.71 5.96
C TYR D 178 -15.70 19.33 7.23
N ASN D 179 -14.53 19.95 7.08
CA ASN D 179 -13.98 20.88 8.06
C ASN D 179 -13.47 22.08 7.30
N LEU D 180 -13.53 23.25 7.94
CA LEU D 180 -13.17 24.47 7.23
C LEU D 180 -12.33 25.35 8.15
N SER D 181 -11.28 25.92 7.57
CA SER D 181 -10.47 26.93 8.25
C SER D 181 -10.68 28.25 7.52
N SER D 182 -11.05 29.29 8.27
CA SER D 182 -11.22 30.64 7.75
C SER D 182 -10.26 31.54 8.49
N THR D 183 -9.50 32.35 7.75
CA THR D 183 -8.53 33.24 8.36
C THR D 183 -8.84 34.69 7.98
N LEU D 184 -8.74 35.57 8.97
CA LEU D 184 -8.86 37.01 8.75
C LEU D 184 -7.51 37.63 9.05
N THR D 185 -6.96 38.35 8.08
CA THR D 185 -5.65 38.98 8.22
C THR D 185 -5.84 40.50 8.25
N LEU D 186 -5.26 41.13 9.27
CA LEU D 186 -5.32 42.58 9.46
C LEU D 186 -3.91 43.09 9.71
N THR D 187 -3.70 44.39 9.53
CA THR D 187 -2.47 44.98 10.02
C THR D 187 -2.50 45.02 11.55
N SER D 188 -1.31 45.07 12.15
CA SER D 188 -1.23 45.18 13.60
C SER D 188 -1.94 46.43 14.09
N THR D 189 -1.83 47.52 13.34
CA THR D 189 -2.51 48.76 13.72
C THR D 189 -4.02 48.59 13.71
N GLN D 190 -4.55 47.92 12.67
CA GLN D 190 -5.98 47.64 12.63
C GLN D 190 -6.39 46.76 13.82
N TYR D 191 -5.62 45.70 14.07
CA TYR D 191 -5.98 44.76 15.13
C TYR D 191 -6.01 45.45 16.48
N ASN D 192 -4.99 46.26 16.78
CA ASN D 192 -4.91 46.92 18.08
C ASN D 192 -5.88 48.08 18.22
N SER D 193 -6.58 48.46 17.15
CA SER D 193 -7.54 49.55 17.19
C SER D 193 -8.97 49.08 17.41
N HIS D 194 -9.19 47.77 17.53
CA HIS D 194 -10.53 47.25 17.73
C HIS D 194 -10.50 46.18 18.81
N LYS D 195 -11.69 45.85 19.33
CA LYS D 195 -11.81 45.05 20.53
C LYS D 195 -12.42 43.68 20.26
N GLU D 196 -13.60 43.60 19.67
CA GLU D 196 -14.35 42.36 19.56
C GLU D 196 -14.18 41.75 18.18
N TYR D 197 -13.78 40.48 18.15
CA TYR D 197 -13.54 39.75 16.91
C TYR D 197 -14.46 38.54 16.89
N THR D 198 -15.28 38.43 15.84
CA THR D 198 -16.36 37.48 15.78
C THR D 198 -16.30 36.70 14.47
N CYS D 199 -16.43 35.38 14.58
CA CYS D 199 -16.57 34.49 13.44
C CYS D 199 -17.97 33.88 13.50
N LYS D 200 -18.74 34.03 12.42
CA LYS D 200 -20.09 33.51 12.37
C LYS D 200 -20.16 32.50 11.23
N VAL D 201 -20.57 31.28 11.53
CA VAL D 201 -20.64 30.20 10.55
C VAL D 201 -22.10 29.86 10.33
N THR D 202 -22.58 30.04 9.10
CA THR D 202 -23.99 29.87 8.76
C THR D 202 -24.18 28.67 7.88
N GLN D 203 -25.19 27.85 8.22
CA GLN D 203 -25.51 26.63 7.48
C GLN D 203 -27.03 26.62 7.34
N GLY D 204 -27.52 27.13 6.24
CA GLY D 204 -28.97 27.26 6.08
C GLY D 204 -29.52 28.15 7.18
N THR D 205 -30.48 27.63 7.93
CA THR D 205 -31.13 28.35 9.01
C THR D 205 -30.44 28.15 10.36
N THR D 206 -29.24 27.56 10.37
CA THR D 206 -28.45 27.38 11.57
C THR D 206 -27.27 28.34 11.50
N SER D 207 -26.92 28.93 12.64
CA SER D 207 -25.75 29.79 12.75
C SER D 207 -25.04 29.49 14.06
N VAL D 208 -23.71 29.52 14.02
CA VAL D 208 -22.89 29.37 15.21
C VAL D 208 -21.88 30.50 15.22
N VAL D 209 -21.77 31.18 16.35
CA VAL D 209 -20.97 32.40 16.48
C VAL D 209 -19.98 32.20 17.62
N GLN D 210 -18.72 32.50 17.36
CA GLN D 210 -17.69 32.53 18.42
C GLN D 210 -16.99 33.87 18.35
N SER D 211 -16.72 34.44 19.53
CA SER D 211 -16.05 35.73 19.60
C SER D 211 -14.96 35.68 20.66
N PHE D 212 -14.05 36.65 20.57
CA PHE D 212 -13.16 36.97 21.67
C PHE D 212 -12.93 38.47 21.70
N ASN D 213 -12.49 38.97 22.85
CA ASN D 213 -12.11 40.36 23.02
C ASN D 213 -10.59 40.43 23.09
N ARG D 214 -9.99 41.29 22.26
CA ARG D 214 -8.53 41.36 22.15
C ARG D 214 -7.86 41.47 23.51
N GLY D 215 -8.41 42.28 24.40
CA GLY D 215 -7.79 42.48 25.71
C GLY D 215 -7.95 41.33 26.70
N ASP D 216 -8.70 40.28 26.34
CA ASP D 216 -8.93 39.15 27.23
C ASP D 216 -8.06 37.95 26.92
N CYS D 217 -7.30 37.99 25.83
CA CYS D 217 -6.50 36.85 25.43
C CYS D 217 -5.04 37.25 25.28
N ILE E 1 18.85 -2.34 27.02
CA ILE E 1 17.61 -2.89 27.53
C ILE E 1 17.26 -2.35 28.92
N ARG E 2 18.26 -2.11 29.78
CA ARG E 2 17.95 -1.61 31.11
C ARG E 2 17.33 -0.22 31.02
N ASN E 3 17.88 0.65 30.16
CA ASN E 3 17.32 1.98 29.99
C ASN E 3 15.90 1.91 29.46
N LYS E 4 15.66 1.05 28.46
CA LYS E 4 14.31 0.90 27.94
C LYS E 4 13.36 0.41 29.03
N SER E 5 13.85 -0.50 29.87
CA SER E 5 13.05 -0.98 30.99
C SER E 5 12.71 0.14 31.96
N VAL E 6 13.71 0.96 32.32
CA VAL E 6 13.48 2.09 33.21
C VAL E 6 12.37 2.98 32.66
N ILE E 7 12.44 3.27 31.37
CA ILE E 7 11.46 4.16 30.74
C ILE E 7 10.06 3.54 30.73
N LEU E 8 9.94 2.31 30.25
CA LEU E 8 8.62 1.72 30.08
C LEU E 8 8.07 1.13 31.38
N LEU E 9 8.93 0.60 32.25
CA LEU E 9 8.47 -0.04 33.47
C LEU E 9 8.91 0.76 34.68
N ILE F 1 3.65 7.22 -32.06
CA ILE F 1 2.20 7.19 -31.91
C ILE F 1 1.54 6.44 -33.07
N ARG F 2 2.09 6.57 -34.27
CA ARG F 2 1.48 5.90 -35.41
C ARG F 2 1.54 4.39 -35.23
N ASN F 3 2.69 3.88 -34.77
CA ASN F 3 2.84 2.45 -34.53
C ASN F 3 1.89 1.99 -33.44
N LYS F 4 1.78 2.77 -32.36
CA LYS F 4 0.86 2.41 -31.28
C LYS F 4 -0.58 2.37 -31.80
N SER F 5 -0.92 3.30 -32.69
CA SER F 5 -2.26 3.32 -33.28
C SER F 5 -2.49 2.11 -34.17
N VAL F 6 -1.48 1.71 -34.95
CA VAL F 6 -1.61 0.51 -35.78
C VAL F 6 -1.92 -0.69 -34.89
N ILE F 7 -1.18 -0.82 -33.79
CA ILE F 7 -1.36 -1.96 -32.89
C ILE F 7 -2.75 -1.95 -32.26
N LEU F 8 -3.14 -0.82 -31.68
CA LEU F 8 -4.40 -0.77 -30.93
C LEU F 8 -5.63 -0.57 -31.80
N LEU F 9 -5.51 0.20 -32.89
CA LEU F 9 -6.68 0.64 -33.65
C LEU F 9 -6.81 -0.02 -35.02
N GLY F 10 -5.72 -0.54 -35.58
CA GLY F 10 -5.72 -1.08 -36.93
C GLY F 10 -6.14 -2.53 -37.01
C1 NAG G . 17.46 6.04 27.35
C2 NAG G . 18.76 6.68 26.83
C3 NAG G . 18.50 8.12 26.36
C4 NAG G . 17.33 8.14 25.38
C5 NAG G . 16.12 7.48 26.03
C6 NAG G . 14.89 7.48 25.15
C7 NAG G . 20.70 5.63 27.93
C8 NAG G . 21.64 5.74 29.11
N2 NAG G . 19.76 6.60 27.86
O3 NAG G . 19.68 8.60 25.79
O4 NAG G . 17.07 9.49 25.05
O5 NAG G . 16.47 6.14 26.35
O6 NAG G . 15.24 7.04 23.85
O7 NAG G . 20.81 4.74 27.09
C1 FUC G . 14.12 6.44 23.18
C2 FUC G . 14.49 6.30 21.69
C3 FUC G . 15.65 5.30 21.52
C4 FUC G . 15.25 3.99 22.19
C5 FUC G . 14.88 4.23 23.65
C6 FUC G . 14.42 2.98 24.37
O2 FUC G . 14.80 7.58 21.20
O3 FUC G . 15.91 5.13 20.14
O4 FUC G . 14.16 3.45 21.47
O5 FUC G . 13.82 5.18 23.72
C1 NAG H . 5.57 -1.03 -32.58
C2 NAG H . 7.11 -1.08 -32.76
C3 NAG H . 7.68 -2.45 -32.40
C4 NAG H . 7.16 -2.83 -31.00
C5 NAG H . 5.64 -2.74 -31.00
C6 NAG H . 5.01 -3.16 -29.68
C7 NAG H . 7.83 0.62 -34.40
C8 NAG H . 8.20 0.87 -35.85
N2 NAG H . 7.51 -0.66 -34.09
O3 NAG H . 9.08 -2.38 -32.45
O4 NAG H . 7.59 -4.14 -30.71
O5 NAG H . 5.25 -1.40 -31.28
O6 NAG H . 5.68 -2.51 -28.63
O7 NAG H . 7.84 1.52 -33.58
C1 FUC H . 4.85 -2.37 -27.47
C2 FUC H . 5.78 -1.98 -26.30
C3 FUC H . 6.39 -0.59 -26.52
C4 FUC H . 5.24 0.39 -26.79
C5 FUC H . 4.41 -0.11 -27.99
C6 FUC H . 3.23 0.79 -28.35
O2 FUC H . 6.75 -2.99 -26.13
O3 FUC H . 7.17 -0.21 -25.40
O4 FUC H . 4.43 0.50 -25.63
O5 FUC H . 3.87 -1.39 -27.70
C1 EDO I . 4.82 -28.54 -6.31
O1 EDO I . 3.58 -28.80 -6.92
C2 EDO I . 4.62 -27.71 -5.07
O2 EDO I . 4.03 -26.47 -5.40
C1 EDO J . -2.64 23.83 -23.29
O1 EDO J . -3.07 25.17 -23.15
C2 EDO J . -1.42 23.62 -22.42
O2 EDO J . -1.81 23.72 -21.07
C1 EDO K . 1.24 -0.48 30.17
O1 EDO K . 0.16 -0.45 31.06
C2 EDO K . 0.74 -0.16 28.79
O2 EDO K . 0.15 1.12 28.80
C1 EDO L . 4.88 -47.72 -10.21
O1 EDO L . 5.22 -47.32 -8.90
C2 EDO L . 4.31 -49.11 -10.21
O2 EDO L . 3.19 -49.17 -9.35
C1 EDO M . -6.41 -6.98 10.37
O1 EDO M . -5.92 -7.61 9.21
C2 EDO M . -7.80 -6.45 10.11
O2 EDO M . -8.56 -7.45 9.46
C1 EDO N . -11.96 46.98 10.93
O1 EDO N . -13.23 47.11 10.36
C2 EDO N . -11.07 46.22 9.97
O2 EDO N . -9.80 46.80 9.93
N PFX O . 25.32 0.23 29.84
CA PFX O . 25.09 -0.94 29.03
C2 PFX O . 24.07 -0.60 27.94
O3 PFX O . 23.57 -1.80 27.43
C4 PFX O . 23.48 -1.82 26.04
C5 PFX O . 22.35 -0.90 25.60
O6 PFX O . 21.14 -1.35 26.15
C7 PFX O . 20.04 -0.54 25.80
C PFX O . 18.78 -0.99 26.54
O PFX O . 17.82 -0.28 26.61
N PFX P . 7.29 11.21 -36.96
CA PFX P . 7.54 9.87 -36.45
C2 PFX P . 7.45 9.88 -34.93
O3 PFX P . 7.78 8.62 -34.44
C4 PFX P . 8.09 8.63 -33.08
C5 PFX P . 7.68 7.29 -32.50
O6 PFX P . 6.29 7.17 -32.51
C7 PFX P . 5.84 6.12 -31.68
C PFX P . 4.32 6.01 -31.72
O PFX P . 3.78 4.98 -31.44
#